data_3UPO
#
_entry.id   3UPO
#
_cell.length_a   123.210
_cell.length_b   123.210
_cell.length_c   97.320
_cell.angle_alpha   90.00
_cell.angle_beta   90.00
_cell.angle_gamma   120.00
#
_symmetry.space_group_name_H-M   'P 61'
#
loop_
_entity.id
_entity.type
_entity.pdbx_description
1 polymer 'Penicillin-binding protein A'
2 non-polymer 'OPEN FORM - PENICILLIN G'
3 water water
#
_entity_poly.entity_id   1
_entity_poly.type   'polypeptide(L)'
_entity_poly.pdbx_seq_one_letter_code
;GAMGSRADPRNQRVLLDEYSRQRGQITAGGQLLAYSVATDGRFRFLRVYPNPEVYAPVTGFYSLRYSSTALERAEDPILN
GSDRRLFGRRLADFFTGRDPRGGNVDTTINPRIQQAGWDAMQQGCYGPCKGAVVALEPSTGKILALVSSPSYDPNLLASH
NPEVQAQAWQRLGDNPASPLTNRAISETYPPGSTFKVITTAAALAAGATETEQLTAAPTIPLPGSTAQLENYGGAPCGDE
PTVSLREAFVKSCNTAFVQLGIRTGADALRSMARAFGLDSPPRPTPLQVAESTVGPIPDSAALGMTSIGQKDVALTPLAN
AEIAATIANGGITMRPYLVGSLKGPDLANISTTVRYQQRRAVSPQVAAKLTELMVGAEKVAQQKGAIPGVQIASKTGTAE
HGTDPRHTPPHAWYIAFAPAQAPKVAVAVLVENGADRLSATGGALAAPIGRAVIEAALQGEP
;
_entity_poly.pdbx_strand_id   A,B
#
# COMPACT_ATOMS: atom_id res chain seq x y z
N GLU A 18 39.35 33.21 -7.87
CA GLU A 18 38.67 32.07 -7.17
C GLU A 18 38.89 30.77 -7.93
N TYR A 19 38.41 30.74 -9.17
CA TYR A 19 38.40 29.53 -9.99
C TYR A 19 39.76 29.12 -10.55
N SER A 20 40.75 30.02 -10.50
CA SER A 20 42.15 29.71 -10.87
C SER A 20 42.82 28.75 -9.87
N ARG A 21 42.20 28.59 -8.70
CA ARG A 21 42.69 27.72 -7.64
C ARG A 21 41.74 26.53 -7.38
N GLN A 22 42.30 25.33 -7.27
CA GLN A 22 41.54 24.11 -7.00
C GLN A 22 40.82 24.12 -5.63
N ARG A 23 39.49 24.20 -5.67
CA ARG A 23 38.66 24.14 -4.49
C ARG A 23 38.78 22.74 -3.87
N GLY A 24 38.78 22.66 -2.54
CA GLY A 24 38.85 21.38 -1.85
C GLY A 24 37.60 20.50 -1.97
N GLN A 25 37.69 19.31 -1.36
CA GLN A 25 36.66 18.28 -1.48
C GLN A 25 35.70 18.21 -0.28
N ILE A 26 34.44 17.91 -0.56
CA ILE A 26 33.49 17.40 0.44
C ILE A 26 33.48 15.87 0.33
N THR A 27 33.73 15.20 1.45
CA THR A 27 33.81 13.73 1.46
C THR A 27 32.80 13.04 2.39
N ALA A 28 32.53 11.76 2.09
CA ALA A 28 31.70 10.87 2.91
C ALA A 28 32.23 9.45 2.79
N GLY A 29 32.65 8.87 3.90
CA GLY A 29 33.14 7.48 3.91
C GLY A 29 34.26 7.17 2.93
N GLY A 30 35.18 8.13 2.78
CA GLY A 30 36.27 8.00 1.81
C GLY A 30 35.83 8.12 0.35
N GLN A 31 34.67 8.72 0.13
CA GLN A 31 34.14 8.93 -1.21
C GLN A 31 33.90 10.41 -1.45
N LEU A 32 34.05 10.84 -2.70
CA LEU A 32 33.91 12.25 -3.04
C LEU A 32 32.48 12.60 -3.37
N LEU A 33 32.01 13.68 -2.76
CA LEU A 33 30.67 14.18 -2.96
C LEU A 33 30.73 15.44 -3.83
N ALA A 34 31.85 16.17 -3.70
CA ALA A 34 32.10 17.37 -4.49
C ALA A 34 33.60 17.50 -4.64
N TYR A 35 34.02 17.81 -5.86
CA TYR A 35 35.42 18.04 -6.20
C TYR A 35 35.52 19.03 -7.38
N SER A 36 36.74 19.47 -7.67
CA SER A 36 36.98 20.47 -8.69
C SER A 36 38.00 19.93 -9.64
N VAL A 37 37.79 20.23 -10.92
CA VAL A 37 38.56 19.66 -12.03
C VAL A 37 39.07 20.82 -12.91
N ALA A 38 40.37 20.79 -13.22
CA ALA A 38 40.99 21.77 -14.11
C ALA A 38 40.51 21.62 -15.55
N THR A 39 40.00 22.73 -16.10
CA THR A 39 39.47 22.75 -17.46
C THR A 39 40.10 23.92 -18.23
N ASP A 40 39.76 23.99 -19.53
CA ASP A 40 40.17 25.07 -20.43
C ASP A 40 39.28 26.27 -20.25
N GLY A 41 38.36 26.23 -19.29
CA GLY A 41 37.49 27.35 -19.03
C GLY A 41 38.24 28.62 -18.64
N ARG A 42 37.66 29.77 -18.97
CA ARG A 42 38.11 31.07 -18.48
C ARG A 42 38.28 31.00 -16.95
N PHE A 43 37.22 30.56 -16.28
CA PHE A 43 37.31 30.11 -14.90
C PHE A 43 37.75 28.65 -14.98
N ARG A 44 39.01 28.40 -14.59
CA ARG A 44 39.68 27.13 -14.88
C ARG A 44 39.02 25.88 -14.26
N PHE A 45 38.61 26.00 -13.00
CA PHE A 45 38.13 24.85 -12.25
C PHE A 45 36.62 24.67 -12.31
N LEU A 46 36.21 23.50 -12.76
CA LEU A 46 34.80 23.16 -12.78
C LEU A 46 34.47 22.27 -11.59
N ARG A 47 33.44 22.67 -10.85
CA ARG A 47 32.95 21.93 -9.72
C ARG A 47 32.08 20.78 -10.21
N VAL A 48 32.42 19.57 -9.79
CA VAL A 48 31.74 18.33 -10.21
C VAL A 48 31.09 17.62 -9.00
N TYR A 49 29.88 17.09 -9.23
CA TYR A 49 29.08 16.35 -8.24
C TYR A 49 28.73 14.97 -8.81
N PRO A 50 29.49 13.92 -8.43
CA PRO A 50 29.39 12.58 -9.05
C PRO A 50 28.16 11.72 -8.73
N ASN A 51 27.44 12.11 -7.67
CA ASN A 51 26.17 11.48 -7.34
C ASN A 51 25.18 12.57 -6.88
N PRO A 52 24.85 13.46 -7.83
CA PRO A 52 24.33 14.81 -7.60
C PRO A 52 23.04 14.95 -6.78
N GLU A 53 21.99 14.23 -7.16
CA GLU A 53 20.68 14.41 -6.54
C GLU A 53 20.65 13.79 -5.16
N VAL A 54 21.30 12.64 -5.03
CA VAL A 54 21.43 11.96 -3.76
C VAL A 54 22.04 12.86 -2.67
N TYR A 55 23.14 13.55 -3.00
CA TYR A 55 23.88 14.33 -1.99
C TYR A 55 23.65 15.83 -1.99
N ALA A 56 22.80 16.32 -2.90
CA ALA A 56 22.48 17.75 -2.95
C ALA A 56 22.06 18.36 -1.60
N PRO A 57 21.30 17.62 -0.75
CA PRO A 57 21.00 18.17 0.59
C PRO A 57 22.23 18.44 1.47
N VAL A 58 23.31 17.72 1.22
CA VAL A 58 24.53 17.82 1.98
C VAL A 58 25.45 18.86 1.30
N THR A 59 25.75 18.64 0.02
CA THR A 59 26.76 19.45 -0.69
C THR A 59 26.27 20.86 -0.94
N GLY A 60 24.99 20.98 -1.31
CA GLY A 60 24.49 22.21 -1.87
C GLY A 60 25.12 22.37 -3.25
N PHE A 61 25.08 23.59 -3.76
CA PHE A 61 25.71 23.87 -5.06
C PHE A 61 26.73 25.00 -4.93
N TYR A 62 27.67 25.05 -5.87
CA TYR A 62 28.65 26.14 -5.96
C TYR A 62 28.55 26.71 -7.35
N SER A 63 28.02 27.93 -7.44
CA SER A 63 27.63 28.52 -8.72
C SER A 63 28.30 29.85 -9.00
N LEU A 64 28.73 30.05 -10.25
CA LEU A 64 29.28 31.35 -10.68
C LEU A 64 28.28 32.48 -10.53
N ARG A 65 27.04 32.20 -10.92
CA ARG A 65 25.98 33.18 -10.97
C ARG A 65 25.20 33.28 -9.66
N TYR A 66 25.02 32.15 -8.98
CA TYR A 66 24.08 32.07 -7.84
C TYR A 66 24.69 31.73 -6.49
N SER A 67 26.02 31.74 -6.42
CA SER A 67 26.73 31.64 -5.16
C SER A 67 26.74 30.19 -4.64
N SER A 68 26.67 30.02 -3.33
CA SER A 68 26.80 28.72 -2.71
C SER A 68 25.69 28.44 -1.70
N THR A 69 25.42 27.14 -1.46
CA THR A 69 24.41 26.67 -0.51
C THR A 69 25.01 25.53 0.29
N ALA A 70 24.27 25.10 1.33
CA ALA A 70 24.65 23.99 2.21
C ALA A 70 26.13 24.02 2.60
N LEU A 71 26.83 22.89 2.53
CA LEU A 71 28.21 22.85 2.98
C LEU A 71 29.19 23.61 2.10
N GLU A 72 28.87 23.78 0.80
CA GLU A 72 29.73 24.59 -0.07
C GLU A 72 29.88 25.97 0.57
N ARG A 73 28.76 26.48 1.09
CA ARG A 73 28.65 27.81 1.65
C ARG A 73 29.19 27.85 3.08
N ALA A 74 28.63 26.98 3.91
CA ALA A 74 29.03 26.87 5.31
C ALA A 74 30.54 26.64 5.50
N GLU A 75 31.14 25.87 4.59
CA GLU A 75 32.54 25.51 4.70
C GLU A 75 33.41 26.18 3.62
N ASP A 76 32.85 27.19 2.95
CA ASP A 76 33.52 27.93 1.87
C ASP A 76 34.99 28.35 2.13
N PRO A 77 35.25 29.08 3.23
CA PRO A 77 36.66 29.43 3.54
C PRO A 77 37.64 28.24 3.66
N ILE A 78 37.20 27.11 4.21
CA ILE A 78 38.01 25.90 4.25
C ILE A 78 38.25 25.37 2.84
N LEU A 79 37.16 25.28 2.07
CA LEU A 79 37.21 24.69 0.74
C LEU A 79 37.98 25.54 -0.25
N ASN A 80 37.91 26.87 -0.12
CA ASN A 80 38.71 27.75 -0.99
C ASN A 80 40.08 28.14 -0.44
N GLY A 81 40.44 27.64 0.74
CA GLY A 81 41.79 27.81 1.27
C GLY A 81 42.09 29.15 1.91
N SER A 82 41.06 29.95 2.16
CA SER A 82 41.24 31.29 2.72
C SER A 82 40.99 31.36 4.25
N ASP A 83 40.64 30.21 4.84
CA ASP A 83 40.47 30.09 6.28
C ASP A 83 41.77 30.46 7.00
N ARG A 84 41.65 31.17 8.13
CA ARG A 84 42.80 31.65 8.90
C ARG A 84 43.79 30.53 9.30
N ARG A 85 43.25 29.35 9.60
CA ARG A 85 44.06 28.19 9.96
C ARG A 85 44.77 27.58 8.74
N LEU A 86 44.37 28.00 7.55
CA LEU A 86 44.92 27.49 6.30
C LEU A 86 45.79 28.51 5.61
N PHE A 87 45.52 29.78 5.87
CA PHE A 87 46.15 30.84 5.10
C PHE A 87 47.69 30.82 5.04
N GLY A 88 48.35 30.29 6.08
CA GLY A 88 49.80 30.07 6.05
C GLY A 88 50.23 29.18 4.89
N ARG A 89 49.48 28.11 4.65
CA ARG A 89 49.74 27.16 3.56
C ARG A 89 49.61 27.81 2.18
N ARG A 90 48.59 28.67 2.03
CA ARG A 90 48.37 29.37 0.78
C ARG A 90 49.52 30.32 0.48
N LEU A 91 50.04 30.96 1.53
CA LEU A 91 51.18 31.86 1.43
C LEU A 91 52.48 31.13 1.04
N ALA A 92 52.69 29.96 1.63
CA ALA A 92 53.82 29.11 1.26
C ALA A 92 53.71 28.59 -0.18
N ASP A 93 52.49 28.29 -0.65
CA ASP A 93 52.22 27.93 -2.04
C ASP A 93 52.57 29.05 -3.03
N PHE A 94 52.06 30.26 -2.79
CA PHE A 94 52.34 31.44 -3.64
C PHE A 94 53.84 31.75 -3.72
N PHE A 95 54.48 31.85 -2.56
CA PHE A 95 55.92 32.05 -2.49
C PHE A 95 56.69 30.93 -3.20
N THR A 96 56.34 29.69 -2.89
CA THR A 96 57.07 28.52 -3.41
C THR A 96 56.82 28.26 -4.90
N GLY A 97 55.65 28.65 -5.39
CA GLY A 97 55.33 28.53 -6.82
C GLY A 97 54.41 27.38 -7.22
N ARG A 98 54.16 26.46 -6.29
CA ARG A 98 53.26 25.33 -6.60
C ARG A 98 51.79 25.75 -6.54
N ASP A 99 50.98 25.02 -7.32
CA ASP A 99 49.56 25.30 -7.48
C ASP A 99 48.80 25.23 -6.13
N PRO A 100 48.01 26.27 -5.82
CA PRO A 100 47.25 26.32 -4.57
C PRO A 100 46.07 25.34 -4.55
N ARG A 101 45.73 24.87 -3.35
CA ARG A 101 44.65 23.90 -3.15
C ARG A 101 43.85 24.23 -1.90
N GLY A 102 42.53 24.04 -1.98
CA GLY A 102 41.64 24.25 -0.84
C GLY A 102 41.72 23.13 0.18
N GLY A 103 41.06 23.31 1.31
CA GLY A 103 41.01 22.25 2.32
C GLY A 103 39.86 21.28 2.09
N ASN A 104 39.82 20.21 2.88
CA ASN A 104 38.78 19.18 2.77
C ASN A 104 37.78 19.18 3.94
N VAL A 105 36.55 18.81 3.62
CA VAL A 105 35.47 18.69 4.59
C VAL A 105 35.03 17.24 4.59
N ASP A 106 35.29 16.55 5.71
CA ASP A 106 34.86 15.18 5.86
C ASP A 106 33.56 15.15 6.66
N THR A 107 32.46 14.80 5.97
CA THR A 107 31.13 14.73 6.58
C THR A 107 30.97 13.41 7.33
N THR A 108 29.91 13.34 8.13
CA THR A 108 29.57 12.17 8.93
C THR A 108 28.67 11.18 8.13
N ILE A 109 28.28 11.58 6.92
CA ILE A 109 27.39 10.77 6.08
C ILE A 109 27.97 9.38 5.80
N ASN A 110 27.16 8.35 6.00
CA ASN A 110 27.50 7.00 5.56
C ASN A 110 26.84 6.81 4.19
N PRO A 111 27.67 6.69 3.13
CA PRO A 111 27.15 6.58 1.74
C PRO A 111 26.17 5.43 1.54
N ARG A 112 26.35 4.33 2.27
CA ARG A 112 25.46 3.16 2.17
C ARG A 112 24.09 3.49 2.71
N ILE A 113 24.06 4.21 3.83
CA ILE A 113 22.82 4.64 4.44
C ILE A 113 22.12 5.75 3.62
N GLN A 114 22.89 6.73 3.14
CA GLN A 114 22.35 7.79 2.26
C GLN A 114 21.71 7.23 0.97
N GLN A 115 22.46 6.40 0.24
CA GLN A 115 21.99 5.75 -1.00
C GLN A 115 20.70 4.95 -0.75
N ALA A 116 20.72 4.08 0.26
CA ALA A 116 19.53 3.31 0.65
C ALA A 116 18.32 4.18 0.96
N GLY A 117 18.51 5.31 1.60
CA GLY A 117 17.39 6.19 1.91
C GLY A 117 16.84 6.80 0.63
N TRP A 118 17.75 7.29 -0.22
CA TRP A 118 17.41 7.82 -1.55
C TRP A 118 16.67 6.78 -2.40
N ASP A 119 17.29 5.61 -2.62
CA ASP A 119 16.67 4.53 -3.40
C ASP A 119 15.27 4.19 -2.89
N ALA A 120 15.14 4.00 -1.58
CA ALA A 120 13.86 3.57 -1.02
C ALA A 120 12.78 4.65 -1.21
N MET A 121 13.17 5.93 -1.17
CA MET A 121 12.24 7.01 -1.43
C MET A 121 11.86 7.15 -2.91
N GLN A 122 12.76 6.72 -3.80
CA GLN A 122 12.44 6.76 -5.25
C GLN A 122 11.51 5.62 -5.67
N GLN A 123 11.53 4.53 -4.90
CA GLN A 123 10.81 3.31 -5.21
C GLN A 123 9.49 3.13 -4.45
N GLY A 124 9.34 3.82 -3.31
CA GLY A 124 8.35 3.44 -2.32
C GLY A 124 6.98 4.10 -2.31
N CYS A 125 6.67 4.92 -3.31
CA CYS A 125 5.35 5.53 -3.41
C CYS A 125 4.63 5.20 -4.74
N TYR A 126 4.85 3.99 -5.25
CA TYR A 126 4.37 3.60 -6.59
C TYR A 126 4.94 4.61 -7.57
N GLY A 127 6.26 4.72 -7.56
CA GLY A 127 6.97 5.88 -8.08
C GLY A 127 7.64 6.63 -6.92
N PRO A 128 8.27 7.78 -7.23
CA PRO A 128 9.04 8.56 -6.26
C PRO A 128 8.20 9.23 -5.16
N CYS A 129 8.73 9.23 -3.94
CA CYS A 129 8.11 9.94 -2.81
C CYS A 129 8.59 11.39 -2.72
N LYS A 130 7.72 12.30 -2.29
CA LYS A 130 8.13 13.60 -1.71
C LYS A 130 8.45 13.35 -0.23
N GLY A 131 9.43 14.08 0.31
CA GLY A 131 9.72 14.06 1.75
C GLY A 131 11.21 13.97 2.05
N ALA A 132 11.53 13.33 3.18
CA ALA A 132 12.88 13.31 3.74
C ALA A 132 13.17 12.03 4.54
N VAL A 133 14.44 11.67 4.59
CA VAL A 133 14.94 10.60 5.45
C VAL A 133 16.13 11.13 6.24
N VAL A 134 16.09 10.95 7.56
CA VAL A 134 17.21 11.35 8.44
C VAL A 134 17.67 10.13 9.21
N ALA A 135 18.97 9.84 9.15
CA ALA A 135 19.54 8.80 9.98
C ALA A 135 20.58 9.41 10.94
N LEU A 136 20.52 9.01 12.21
CA LEU A 136 21.43 9.48 13.26
C LEU A 136 22.11 8.35 14.02
N GLU A 137 23.32 8.60 14.51
CA GLU A 137 23.96 7.70 15.46
C GLU A 137 23.66 8.24 16.86
N PRO A 138 22.75 7.55 17.58
CA PRO A 138 22.20 8.09 18.83
C PRO A 138 23.24 8.45 19.91
N SER A 139 24.35 7.70 19.95
CA SER A 139 25.36 7.85 20.98
C SER A 139 26.35 8.97 20.73
N THR A 140 26.37 9.52 19.51
CA THR A 140 27.37 10.52 19.10
C THR A 140 26.76 11.81 18.54
N GLY A 141 25.59 11.71 17.91
CA GLY A 141 24.98 12.82 17.22
C GLY A 141 25.35 12.92 15.74
N LYS A 142 26.18 12.01 15.25
CA LYS A 142 26.52 11.98 13.84
C LYS A 142 25.25 11.90 13.01
N ILE A 143 25.15 12.78 12.03
CA ILE A 143 24.12 12.67 10.98
C ILE A 143 24.61 11.72 9.92
N LEU A 144 24.07 10.50 9.91
CA LEU A 144 24.52 9.43 9.01
C LEU A 144 23.84 9.44 7.63
N ALA A 145 22.65 10.02 7.57
CA ALA A 145 21.98 10.27 6.29
C ALA A 145 21.13 11.51 6.41
N LEU A 146 21.04 12.26 5.31
CA LEU A 146 20.23 13.47 5.21
C LEU A 146 19.71 13.59 3.76
N VAL A 147 18.57 12.93 3.50
CA VAL A 147 18.00 12.77 2.17
C VAL A 147 16.76 13.64 2.05
N SER A 148 16.64 14.37 0.94
CA SER A 148 15.43 15.12 0.63
C SER A 148 14.98 14.72 -0.77
N SER A 149 13.66 14.73 -0.98
CA SER A 149 13.08 14.23 -2.24
C SER A 149 11.81 15.00 -2.60
N PRO A 150 11.72 15.49 -3.86
CA PRO A 150 12.71 15.31 -4.92
C PRO A 150 13.97 16.17 -4.70
N SER A 151 15.06 15.82 -5.36
CA SER A 151 16.28 16.59 -5.29
C SER A 151 16.52 17.29 -6.64
N TYR A 152 17.75 17.74 -6.87
CA TYR A 152 18.09 18.41 -8.11
C TYR A 152 19.56 18.13 -8.37
N ASP A 153 20.03 18.44 -9.58
CA ASP A 153 21.41 18.23 -9.97
C ASP A 153 22.24 19.53 -9.80
N PRO A 154 23.10 19.60 -8.76
CA PRO A 154 23.96 20.79 -8.59
C PRO A 154 24.97 21.03 -9.73
N ASN A 155 25.30 20.00 -10.51
CA ASN A 155 26.10 20.15 -11.73
C ASN A 155 25.48 21.16 -12.67
N LEU A 156 24.14 21.23 -12.72
CA LEU A 156 23.46 22.22 -13.57
C LEU A 156 23.88 23.63 -13.20
N LEU A 157 23.90 23.92 -11.89
CA LEU A 157 24.32 25.24 -11.39
C LEU A 157 25.85 25.44 -11.34
N ALA A 158 26.61 24.35 -11.40
CA ALA A 158 28.07 24.44 -11.57
C ALA A 158 28.52 24.72 -13.04
N SER A 159 27.58 24.71 -13.98
CA SER A 159 27.90 25.02 -15.39
C SER A 159 28.57 26.40 -15.52
N HIS A 160 29.52 26.51 -16.43
CA HIS A 160 30.14 27.82 -16.70
C HIS A 160 29.40 28.62 -17.77
N ASN A 161 28.31 28.05 -18.26
CA ASN A 161 27.44 28.76 -19.18
C ASN A 161 26.36 29.53 -18.41
N PRO A 162 26.28 30.85 -18.62
CA PRO A 162 25.33 31.71 -17.91
C PRO A 162 23.87 31.33 -18.19
N GLU A 163 23.56 30.93 -19.42
CA GLU A 163 22.20 30.55 -19.78
C GLU A 163 21.78 29.18 -19.24
N VAL A 164 22.74 28.26 -19.09
CA VAL A 164 22.46 26.94 -18.53
C VAL A 164 22.10 27.05 -17.04
N GLN A 165 22.88 27.83 -16.29
CA GLN A 165 22.62 28.14 -14.89
C GLN A 165 21.25 28.79 -14.70
N ALA A 166 21.00 29.88 -15.42
CA ALA A 166 19.77 30.68 -15.24
C ALA A 166 18.49 29.93 -15.62
N GLN A 167 18.59 29.09 -16.66
CA GLN A 167 17.50 28.24 -17.08
C GLN A 167 17.17 27.18 -16.02
N ALA A 168 18.20 26.52 -15.52
CA ALA A 168 18.09 25.58 -14.40
C ALA A 168 17.54 26.25 -13.14
N TRP A 169 18.05 27.45 -12.82
CA TRP A 169 17.55 28.23 -11.70
C TRP A 169 16.05 28.53 -11.85
N GLN A 170 15.68 29.00 -13.03
CA GLN A 170 14.29 29.30 -13.37
C GLN A 170 13.40 28.06 -13.27
N ARG A 171 13.82 26.97 -13.90
CA ARG A 171 13.10 25.71 -13.84
C ARG A 171 12.89 25.22 -12.40
N LEU A 172 13.96 25.14 -11.62
CA LEU A 172 13.90 24.70 -10.21
C LEU A 172 12.98 25.60 -9.37
N GLY A 173 13.16 26.91 -9.51
CA GLY A 173 12.33 27.91 -8.84
C GLY A 173 10.83 27.79 -9.09
N ASP A 174 10.44 27.47 -10.32
CA ASP A 174 9.00 27.39 -10.68
C ASP A 174 8.38 26.02 -10.40
N ASN A 175 9.22 25.00 -10.29
CA ASN A 175 8.80 23.64 -9.94
C ASN A 175 8.05 23.63 -8.60
N PRO A 176 6.73 23.36 -8.63
CA PRO A 176 5.95 23.44 -7.39
C PRO A 176 6.34 22.41 -6.34
N ALA A 177 7.02 21.35 -6.76
CA ALA A 177 7.55 20.34 -5.83
C ALA A 177 8.80 20.84 -5.08
N SER A 178 9.35 21.97 -5.55
CA SER A 178 10.44 22.68 -4.88
C SER A 178 11.65 21.80 -4.55
N PRO A 179 12.30 21.21 -5.59
CA PRO A 179 13.41 20.28 -5.33
C PRO A 179 14.63 20.92 -4.67
N LEU A 180 14.70 22.25 -4.65
CA LEU A 180 15.78 22.96 -3.97
C LEU A 180 15.71 22.87 -2.45
N THR A 181 14.49 22.83 -1.91
CA THR A 181 14.25 22.69 -0.46
C THR A 181 14.90 21.44 0.18
N ASN A 182 15.66 21.65 1.25
CA ASN A 182 16.10 20.56 2.10
C ASN A 182 14.99 20.27 3.12
N ARG A 183 14.13 19.31 2.80
CA ARG A 183 12.95 18.98 3.62
C ARG A 183 13.33 18.36 4.96
N ALA A 184 14.53 17.81 5.04
CA ALA A 184 15.02 17.23 6.30
C ALA A 184 15.18 18.27 7.41
N ILE A 185 15.56 19.51 7.06
CA ILE A 185 15.99 20.50 8.07
C ILE A 185 15.35 21.88 7.93
N SER A 186 14.85 22.19 6.74
CA SER A 186 14.29 23.52 6.43
C SER A 186 12.79 23.61 6.54
N GLU A 187 12.11 22.48 6.59
CA GLU A 187 10.67 22.52 6.60
C GLU A 187 10.15 21.79 7.83
N THR A 188 9.03 22.28 8.37
CA THR A 188 8.35 21.66 9.51
C THR A 188 6.96 21.18 9.08
N TYR A 189 6.55 20.05 9.65
CA TYR A 189 5.30 19.38 9.32
C TYR A 189 4.67 18.88 10.61
N PRO A 190 3.33 18.80 10.64
CA PRO A 190 2.65 18.12 11.74
C PRO A 190 3.23 16.71 11.87
N PRO A 191 3.67 16.32 13.08
CA PRO A 191 4.20 14.97 13.32
C PRO A 191 3.10 13.89 13.42
N GLY A 192 1.86 14.30 13.66
CA GLY A 192 0.78 13.35 13.91
C GLY A 192 1.12 12.44 15.08
N SER A 193 0.87 11.14 14.93
CA SER A 193 0.94 10.23 16.06
C SER A 193 2.33 9.82 16.49
N THR A 194 3.36 10.22 15.75
CA THR A 194 4.71 10.08 16.28
C THR A 194 4.82 10.88 17.59
N PHE A 195 4.02 11.93 17.73
CA PHE A 195 4.05 12.82 18.90
C PHE A 195 3.46 12.16 20.15
N LYS A 196 2.80 11.02 19.96
CA LYS A 196 2.35 10.21 21.10
C LYS A 196 3.54 9.82 21.97
N VAL A 197 4.74 9.85 21.39
CA VAL A 197 5.95 9.58 22.17
C VAL A 197 6.13 10.65 23.23
N ILE A 198 5.87 11.91 22.84
CA ILE A 198 6.00 13.07 23.73
C ILE A 198 4.88 13.15 24.76
N THR A 199 3.66 12.87 24.32
CA THR A 199 2.51 12.80 25.22
C THR A 199 2.68 11.70 26.26
N THR A 200 3.12 10.53 25.83
CA THR A 200 3.34 9.43 26.75
C THR A 200 4.46 9.77 27.75
N ALA A 201 5.55 10.34 27.25
CA ALA A 201 6.68 10.71 28.10
C ALA A 201 6.23 11.74 29.13
N ALA A 202 5.44 12.71 28.70
CA ALA A 202 4.87 13.70 29.61
C ALA A 202 4.03 13.00 30.69
N ALA A 203 3.18 12.06 30.26
CA ALA A 203 2.31 11.33 31.18
C ALA A 203 3.11 10.54 32.21
N LEU A 204 4.10 9.78 31.76
CA LEU A 204 4.96 8.95 32.60
C LEU A 204 5.77 9.80 33.60
N ALA A 205 6.46 10.82 33.10
CA ALA A 205 7.17 11.73 33.99
C ALA A 205 6.25 12.26 35.10
N ALA A 206 4.96 12.46 34.79
CA ALA A 206 3.98 12.95 35.75
C ALA A 206 3.50 11.85 36.73
N GLY A 207 3.97 10.63 36.53
CA GLY A 207 3.64 9.51 37.42
C GLY A 207 2.57 8.55 36.90
N ALA A 208 2.13 8.74 35.65
CA ALA A 208 1.27 7.77 34.98
C ALA A 208 2.09 6.51 34.68
N THR A 209 1.39 5.38 34.53
CA THR A 209 2.07 4.10 34.26
C THR A 209 1.50 3.46 32.99
N GLU A 210 2.18 2.44 32.50
CA GLU A 210 1.80 1.68 31.31
C GLU A 210 0.49 0.92 31.50
N THR A 211 0.06 0.81 32.74
CA THR A 211 -1.11 0.02 33.07
C THR A 211 -2.36 0.90 33.22
N GLU A 212 -2.15 2.22 33.19
CA GLU A 212 -3.20 3.24 33.17
C GLU A 212 -4.34 2.97 32.16
N GLN A 213 -5.57 3.07 32.67
CA GLN A 213 -6.78 2.80 31.91
C GLN A 213 -7.36 4.03 31.24
N LEU A 214 -7.47 3.97 29.91
CA LEU A 214 -7.93 5.08 29.10
C LEU A 214 -9.09 4.64 28.22
N THR A 215 -9.89 5.61 27.80
CA THR A 215 -11.04 5.34 26.95
C THR A 215 -10.67 4.52 25.70
N ALA A 216 -11.55 3.58 25.38
CA ALA A 216 -11.44 2.79 24.17
C ALA A 216 -12.41 3.35 23.12
N ALA A 217 -13.19 4.36 23.53
CA ALA A 217 -14.29 4.88 22.72
C ALA A 217 -13.85 5.27 21.29
N PRO A 218 -14.67 4.91 20.28
CA PRO A 218 -14.34 5.24 18.88
C PRO A 218 -14.24 6.74 18.61
N THR A 219 -14.88 7.52 19.46
CA THR A 219 -14.96 8.99 19.32
C THR A 219 -14.83 9.69 20.69
N ILE A 220 -14.32 10.92 20.68
CA ILE A 220 -14.20 11.73 21.90
C ILE A 220 -14.54 13.19 21.60
N PRO A 221 -15.40 13.81 22.43
CA PRO A 221 -15.67 15.23 22.17
C PRO A 221 -14.51 16.10 22.69
N LEU A 222 -14.36 17.30 22.14
CA LEU A 222 -13.31 18.23 22.60
C LEU A 222 -13.94 19.26 23.53
N PRO A 223 -13.32 19.56 24.70
CA PRO A 223 -14.01 20.46 25.62
C PRO A 223 -14.06 21.87 25.04
N GLY A 224 -15.19 22.53 25.19
CA GLY A 224 -15.36 23.89 24.71
C GLY A 224 -15.42 24.03 23.19
N SER A 225 -15.74 22.94 22.51
CA SER A 225 -16.08 22.99 21.07
C SER A 225 -17.05 21.87 20.66
N THR A 226 -17.65 22.03 19.49
CA THR A 226 -18.58 21.03 18.94
C THR A 226 -17.85 19.94 18.18
N ALA A 227 -16.57 20.16 17.92
CA ALA A 227 -15.71 19.20 17.23
C ALA A 227 -15.52 17.89 18.01
N GLN A 228 -15.23 16.82 17.28
CA GLN A 228 -14.96 15.52 17.86
C GLN A 228 -13.73 14.92 17.21
N LEU A 229 -12.95 14.20 17.99
CA LEU A 229 -11.82 13.45 17.48
C LEU A 229 -12.14 11.96 17.56
N GLU A 230 -11.99 11.26 16.44
CA GLU A 230 -12.25 9.83 16.38
C GLU A 230 -10.97 8.99 16.20
N ASN A 231 -11.05 7.71 16.54
CA ASN A 231 -10.02 6.71 16.19
C ASN A 231 -10.00 6.45 14.69
N TYR A 232 -8.87 5.99 14.17
CA TYR A 232 -8.74 5.63 12.75
C TYR A 232 -9.77 4.57 12.36
N GLY A 233 -10.61 4.90 11.37
CA GLY A 233 -11.67 4.01 10.89
C GLY A 233 -12.90 3.93 11.78
N GLY A 234 -12.99 4.80 12.78
CA GLY A 234 -14.14 4.86 13.68
C GLY A 234 -14.31 3.66 14.60
N ALA A 235 -13.26 2.89 14.77
CA ALA A 235 -13.34 1.66 15.56
C ALA A 235 -12.87 1.89 16.99
N PRO A 236 -13.55 1.27 17.97
CA PRO A 236 -13.09 1.34 19.36
C PRO A 236 -11.70 0.71 19.47
N CYS A 237 -10.94 1.11 20.48
CA CYS A 237 -9.54 0.67 20.59
C CYS A 237 -9.47 -0.84 20.82
N GLY A 238 -10.37 -1.35 21.64
CA GLY A 238 -10.58 -2.79 21.75
C GLY A 238 -12.04 -3.02 22.03
N ASP A 239 -12.37 -4.27 22.37
CA ASP A 239 -13.74 -4.65 22.70
C ASP A 239 -14.13 -4.42 24.17
N GLU A 240 -13.20 -3.92 24.98
CA GLU A 240 -13.47 -3.56 26.38
C GLU A 240 -13.72 -2.05 26.46
N PRO A 241 -14.42 -1.57 27.52
CA PRO A 241 -14.67 -0.13 27.73
C PRO A 241 -13.41 0.75 27.81
N THR A 242 -12.33 0.19 28.36
CA THR A 242 -11.08 0.91 28.52
C THR A 242 -9.93 0.00 28.13
N VAL A 243 -8.77 0.59 27.86
CA VAL A 243 -7.54 -0.15 27.55
C VAL A 243 -6.37 0.45 28.32
N SER A 244 -5.31 -0.34 28.51
CA SER A 244 -4.07 0.16 29.08
C SER A 244 -3.37 1.13 28.13
N LEU A 245 -2.72 2.13 28.71
CA LEU A 245 -1.82 3.02 27.98
C LEU A 245 -0.93 2.22 27.03
N ARG A 246 -0.28 1.17 27.50
CA ARG A 246 0.56 0.34 26.63
C ARG A 246 -0.21 -0.11 25.39
N GLU A 247 -1.47 -0.46 25.56
CA GLU A 247 -2.25 -1.02 24.47
C GLU A 247 -2.71 0.10 23.52
N ALA A 248 -3.10 1.23 24.09
CA ALA A 248 -3.42 2.39 23.29
C ALA A 248 -2.23 2.83 22.44
N PHE A 249 -1.02 2.80 23.02
CA PHE A 249 0.20 3.25 22.34
C PHE A 249 0.58 2.33 21.16
N VAL A 250 0.58 1.03 21.40
CA VAL A 250 1.01 0.09 20.35
C VAL A 250 0.01 -0.01 19.20
N LYS A 251 -1.29 0.19 19.50
CA LYS A 251 -2.32 0.23 18.48
C LYS A 251 -2.52 1.64 17.88
N SER A 252 -1.96 2.65 18.56
CA SER A 252 -2.08 4.06 18.18
C SER A 252 -3.53 4.51 18.10
N CYS A 253 -4.25 4.32 19.21
CA CYS A 253 -5.65 4.72 19.35
C CYS A 253 -5.75 6.16 19.81
N ASN A 254 -6.50 6.97 19.05
CA ASN A 254 -6.49 8.42 19.22
C ASN A 254 -7.15 8.96 20.48
N THR A 255 -8.41 8.58 20.68
CA THR A 255 -9.23 9.06 21.79
C THR A 255 -8.57 8.86 23.16
N ALA A 256 -7.83 7.77 23.31
CA ALA A 256 -7.09 7.50 24.54
C ALA A 256 -6.01 8.58 24.79
N PHE A 257 -5.29 8.96 23.72
CA PHE A 257 -4.22 9.93 23.86
C PHE A 257 -4.73 11.35 24.00
N VAL A 258 -5.88 11.63 23.38
CA VAL A 258 -6.61 12.88 23.61
C VAL A 258 -6.98 13.02 25.10
N GLN A 259 -7.63 11.99 25.63
CA GLN A 259 -8.00 11.92 27.02
C GLN A 259 -6.78 12.02 27.96
N LEU A 260 -5.69 11.33 27.60
CA LEU A 260 -4.44 11.31 28.37
C LEU A 260 -3.78 12.68 28.35
N GLY A 261 -3.74 13.28 27.16
CA GLY A 261 -3.13 14.59 26.98
C GLY A 261 -3.83 15.65 27.79
N ILE A 262 -5.17 15.64 27.75
CA ILE A 262 -5.96 16.58 28.52
C ILE A 262 -5.83 16.30 30.02
N ARG A 263 -5.72 15.03 30.38
CA ARG A 263 -5.51 14.64 31.77
C ARG A 263 -4.16 15.17 32.27
N THR A 264 -3.13 15.05 31.45
CA THR A 264 -1.76 15.45 31.80
C THR A 264 -1.58 16.98 31.85
N GLY A 265 -2.22 17.69 30.93
CA GLY A 265 -2.33 19.15 30.98
C GLY A 265 -1.30 19.86 30.12
N ALA A 266 -1.64 21.09 29.75
CA ALA A 266 -0.86 21.89 28.79
C ALA A 266 0.57 22.15 29.23
N ASP A 267 0.75 22.57 30.49
CA ASP A 267 2.07 22.86 31.04
C ASP A 267 3.06 21.70 31.01
N ALA A 268 2.62 20.50 31.36
CA ALA A 268 3.50 19.31 31.33
C ALA A 268 3.94 18.94 29.91
N LEU A 269 3.00 19.03 28.97
CA LEU A 269 3.28 18.76 27.56
C LEU A 269 4.24 19.78 26.92
N ARG A 270 3.98 21.07 27.13
CA ARG A 270 4.92 22.14 26.73
C ARG A 270 6.30 21.82 27.27
N SER A 271 6.35 21.56 28.57
CA SER A 271 7.56 21.25 29.27
C SER A 271 8.29 20.05 28.68
N MET A 272 7.56 18.97 28.41
CA MET A 272 8.19 17.75 27.88
C MET A 272 8.69 17.98 26.46
N ALA A 273 7.93 18.74 25.68
CA ALA A 273 8.32 19.17 24.32
C ALA A 273 9.63 20.01 24.33
N ARG A 274 9.71 21.04 25.18
CA ARG A 274 10.99 21.74 25.40
C ARG A 274 12.13 20.76 25.73
N ALA A 275 11.86 19.77 26.59
CA ALA A 275 12.87 18.81 27.00
C ALA A 275 13.42 18.00 25.84
N PHE A 276 12.58 17.75 24.83
CA PHE A 276 12.96 17.07 23.59
C PHE A 276 13.35 18.02 22.44
N GLY A 277 13.69 19.27 22.78
CA GLY A 277 14.26 20.20 21.80
C GLY A 277 13.32 21.10 21.02
N LEU A 278 12.01 20.94 21.21
CA LEU A 278 11.03 21.79 20.54
C LEU A 278 11.02 23.14 21.21
N ASP A 279 10.65 24.17 20.43
CA ASP A 279 10.53 25.54 20.92
C ASP A 279 11.85 26.06 21.52
N SER A 280 12.94 25.51 21.00
CA SER A 280 14.28 26.01 21.28
C SER A 280 15.00 26.19 19.94
N PRO A 281 15.79 27.27 19.79
CA PRO A 281 16.46 27.53 18.51
C PRO A 281 17.58 26.52 18.26
N PRO A 282 17.47 25.73 17.18
CA PRO A 282 18.46 24.66 17.00
C PRO A 282 19.86 25.21 16.72
N ARG A 283 20.87 24.51 17.23
CA ARG A 283 22.27 24.76 16.88
C ARG A 283 22.49 24.42 15.40
N PRO A 284 23.37 25.15 14.72
CA PRO A 284 23.67 24.79 13.33
C PRO A 284 24.54 23.53 13.26
N THR A 285 24.46 22.81 12.14
CA THR A 285 25.06 21.47 12.02
C THR A 285 26.37 21.26 11.20
N PRO A 286 26.92 22.30 10.51
CA PRO A 286 26.74 23.75 10.45
C PRO A 286 25.55 24.28 9.65
N LEU A 287 24.79 23.39 9.02
CA LEU A 287 23.57 23.82 8.32
C LEU A 287 22.53 24.25 9.32
N GLN A 288 21.85 25.35 8.99
CA GLN A 288 20.78 25.88 9.83
C GLN A 288 19.54 24.98 9.83
N VAL A 289 18.98 24.76 11.01
CA VAL A 289 17.81 23.89 11.11
C VAL A 289 16.62 24.75 11.50
N ALA A 290 15.51 24.59 10.80
CA ALA A 290 14.27 25.28 11.18
C ALA A 290 13.88 24.88 12.60
N GLU A 291 13.25 25.81 13.32
CA GLU A 291 12.83 25.55 14.69
C GLU A 291 11.50 24.81 14.70
N SER A 292 11.46 23.69 15.43
CA SER A 292 10.24 22.92 15.66
C SER A 292 9.45 23.46 16.87
N THR A 293 8.14 23.27 16.85
CA THR A 293 7.29 23.87 17.87
C THR A 293 6.15 22.94 18.30
N VAL A 294 5.64 23.16 19.52
CA VAL A 294 4.46 22.47 20.03
C VAL A 294 3.21 23.35 19.78
N GLY A 295 3.43 24.63 19.49
CA GLY A 295 2.32 25.58 19.39
C GLY A 295 1.94 26.21 20.72
N PRO A 296 1.12 27.27 20.69
CA PRO A 296 0.73 27.97 21.92
C PRO A 296 -0.23 27.22 22.83
N ILE A 297 -0.95 26.24 22.28
CA ILE A 297 -2.01 25.51 22.99
C ILE A 297 -2.97 26.44 23.74
N PRO A 298 -3.75 27.25 23.00
CA PRO A 298 -4.53 28.33 23.62
C PRO A 298 -5.70 27.88 24.51
N ASP A 299 -6.17 26.64 24.30
CA ASP A 299 -7.30 26.09 25.04
C ASP A 299 -7.25 24.56 25.04
N SER A 300 -8.28 23.93 25.62
CA SER A 300 -8.26 22.48 25.84
C SER A 300 -8.63 21.67 24.61
N ALA A 301 -9.45 22.25 23.74
CA ALA A 301 -9.66 21.73 22.37
C ALA A 301 -8.32 21.55 21.68
N ALA A 302 -7.49 22.59 21.72
CA ALA A 302 -6.14 22.56 21.12
C ALA A 302 -5.22 21.52 21.77
N LEU A 303 -5.25 21.44 23.10
CA LEU A 303 -4.50 20.43 23.84
C LEU A 303 -4.78 18.99 23.38
N GLY A 304 -6.08 18.67 23.23
CA GLY A 304 -6.51 17.35 22.74
C GLY A 304 -5.92 17.01 21.37
N MET A 305 -5.93 17.98 20.47
CA MET A 305 -5.34 17.88 19.13
C MET A 305 -3.81 17.84 19.16
N THR A 306 -3.20 18.65 20.03
CA THR A 306 -1.75 18.67 20.23
C THR A 306 -1.25 17.30 20.65
N SER A 307 -2.06 16.61 21.46
CA SER A 307 -1.73 15.33 22.07
C SER A 307 -1.51 14.23 21.05
N ILE A 308 -2.13 14.37 19.90
CA ILE A 308 -1.93 13.41 18.81
C ILE A 308 -1.14 14.03 17.66
N GLY A 309 -0.37 15.08 17.97
CA GLY A 309 0.56 15.69 17.01
C GLY A 309 -0.11 16.48 15.91
N GLN A 310 -1.24 17.09 16.23
CA GLN A 310 -1.94 17.93 15.27
C GLN A 310 -1.98 19.38 15.79
N LYS A 311 -3.06 20.11 15.51
CA LYS A 311 -3.15 21.54 15.80
C LYS A 311 -1.93 22.32 15.26
N ASP A 312 -1.05 22.78 16.13
CA ASP A 312 0.06 23.67 15.76
C ASP A 312 1.41 23.01 15.94
N VAL A 313 1.42 21.73 16.27
CA VAL A 313 2.67 20.98 16.37
C VAL A 313 3.27 20.81 14.97
N ALA A 314 4.58 21.04 14.86
CA ALA A 314 5.26 21.16 13.59
C ALA A 314 6.71 20.89 13.85
N LEU A 315 7.20 19.82 13.25
CA LEU A 315 8.55 19.37 13.48
C LEU A 315 9.27 19.20 12.14
N THR A 316 10.59 19.37 12.17
CA THR A 316 11.44 18.90 11.07
C THR A 316 11.67 17.40 11.19
N PRO A 317 11.89 16.72 10.05
CA PRO A 317 12.28 15.32 10.13
C PRO A 317 13.51 15.09 10.98
N LEU A 318 14.47 16.02 10.92
CA LEU A 318 15.62 15.98 11.82
C LEU A 318 15.20 15.97 13.29
N ALA A 319 14.36 16.90 13.74
CA ALA A 319 13.90 16.90 15.15
C ALA A 319 13.20 15.59 15.56
N ASN A 320 12.45 15.00 14.62
CA ASN A 320 11.72 13.75 14.92
C ASN A 320 12.66 12.54 15.00
N ALA A 321 13.71 12.52 14.17
CA ALA A 321 14.81 11.58 14.33
C ALA A 321 15.55 11.75 15.68
N GLU A 322 15.70 12.98 16.16
CA GLU A 322 16.35 13.25 17.45
C GLU A 322 15.53 12.74 18.63
N ILE A 323 14.21 12.85 18.53
CA ILE A 323 13.33 12.26 19.53
C ILE A 323 13.63 10.77 19.66
N ALA A 324 13.65 10.05 18.53
CA ALA A 324 14.02 8.65 18.52
C ALA A 324 15.43 8.43 19.08
N ALA A 325 16.38 9.27 18.66
CA ALA A 325 17.79 9.11 19.05
C ALA A 325 18.02 9.32 20.55
N THR A 326 17.32 10.30 21.09
CA THR A 326 17.31 10.63 22.51
C THR A 326 16.85 9.44 23.37
N ILE A 327 15.70 8.84 23.03
CA ILE A 327 15.22 7.59 23.63
C ILE A 327 16.21 6.45 23.46
N ALA A 328 16.69 6.25 22.23
CA ALA A 328 17.75 5.29 21.96
C ALA A 328 18.99 5.51 22.85
N ASN A 329 19.33 6.76 23.16
CA ASN A 329 20.50 7.07 24.00
C ASN A 329 20.21 7.12 25.52
N GLY A 330 19.12 6.49 25.94
CA GLY A 330 18.77 6.45 27.36
C GLY A 330 18.33 7.79 27.92
N GLY A 331 17.82 8.67 27.04
CA GLY A 331 17.26 9.96 27.44
C GLY A 331 18.16 11.18 27.27
N ILE A 332 19.34 10.96 26.74
CA ILE A 332 20.33 12.01 26.54
C ILE A 332 20.42 12.34 25.05
N THR A 333 20.21 13.62 24.73
CA THR A 333 20.23 14.12 23.38
C THR A 333 21.67 14.52 23.03
N MET A 334 22.25 13.88 22.02
CA MET A 334 23.57 14.30 21.54
C MET A 334 23.39 15.43 20.51
N ARG A 335 24.22 16.46 20.61
CA ARG A 335 24.15 17.57 19.64
C ARG A 335 24.40 17.03 18.23
N PRO A 336 23.41 17.16 17.32
CA PRO A 336 23.59 16.58 15.99
C PRO A 336 24.58 17.41 15.13
N TYR A 337 25.43 16.72 14.39
CA TYR A 337 26.42 17.41 13.54
C TYR A 337 26.69 16.63 12.25
N LEU A 338 27.00 17.37 11.18
CA LEU A 338 27.25 16.82 9.83
C LEU A 338 28.73 16.75 9.40
N VAL A 339 29.59 17.54 10.04
CA VAL A 339 31.00 17.56 9.71
C VAL A 339 31.81 16.87 10.81
N GLY A 340 32.53 15.80 10.44
CA GLY A 340 33.40 15.08 11.38
C GLY A 340 34.76 15.73 11.57
N SER A 341 35.34 16.23 10.48
CA SER A 341 36.63 16.93 10.52
C SER A 341 36.87 17.85 9.32
N LEU A 342 37.70 18.87 9.57
CA LEU A 342 38.21 19.75 8.53
C LEU A 342 39.68 19.47 8.40
N LYS A 343 40.14 19.38 7.16
CA LYS A 343 41.52 19.00 6.87
C LYS A 343 42.18 20.02 5.96
N GLY A 344 43.51 20.07 6.02
CA GLY A 344 44.30 20.83 5.05
C GLY A 344 44.38 20.12 3.72
N PRO A 345 44.92 20.81 2.68
CA PRO A 345 45.14 20.14 1.39
C PRO A 345 46.14 18.99 1.51
N ASP A 346 47.07 19.09 2.46
CA ASP A 346 47.94 17.98 2.84
C ASP A 346 47.21 16.94 3.73
N LEU A 347 45.97 17.24 4.08
CA LEU A 347 45.10 16.37 4.87
C LEU A 347 45.51 16.31 6.35
N ALA A 348 46.41 17.21 6.75
CA ALA A 348 46.69 17.45 8.15
C ALA A 348 45.39 17.92 8.82
N ASN A 349 45.17 17.46 10.05
CA ASN A 349 44.00 17.80 10.84
C ASN A 349 44.01 19.30 11.14
N ILE A 350 42.88 19.95 10.88
CA ILE A 350 42.69 21.35 11.23
C ILE A 350 41.72 21.42 12.39
N SER A 351 40.65 20.63 12.29
CA SER A 351 39.58 20.65 13.26
C SER A 351 38.87 19.28 13.27
N THR A 352 38.81 18.67 14.45
CA THR A 352 37.98 17.47 14.65
C THR A 352 36.79 17.79 15.55
N THR A 353 35.58 17.46 15.09
CA THR A 353 34.36 17.76 15.83
C THR A 353 34.25 16.93 17.11
N VAL A 354 34.00 17.61 18.22
CA VAL A 354 33.84 16.98 19.52
C VAL A 354 32.35 16.71 19.76
N ARG A 355 32.03 15.46 20.10
CA ARG A 355 30.66 15.07 20.38
C ARG A 355 30.22 15.68 21.70
N TYR A 356 28.96 16.09 21.78
CA TYR A 356 28.46 16.86 22.90
C TYR A 356 27.06 16.47 23.40
N GLN A 357 26.92 16.27 24.72
CA GLN A 357 25.62 15.98 25.34
C GLN A 357 24.84 17.28 25.50
N GLN A 358 23.80 17.43 24.68
CA GLN A 358 23.06 18.67 24.59
C GLN A 358 22.18 18.89 25.82
N ARG A 359 21.29 17.95 26.11
CA ARG A 359 20.57 17.90 27.39
C ARG A 359 19.95 16.52 27.65
N ARG A 360 19.49 16.30 28.87
CA ARG A 360 18.71 15.12 29.21
C ARG A 360 17.23 15.45 29.09
N ALA A 361 16.53 14.72 28.22
CA ALA A 361 15.10 14.92 28.04
C ALA A 361 14.27 14.12 29.06
N VAL A 362 14.71 12.90 29.36
CA VAL A 362 13.96 12.01 30.27
C VAL A 362 14.95 11.17 31.06
N SER A 363 14.50 10.65 32.21
CA SER A 363 15.34 9.75 33.02
C SER A 363 15.62 8.45 32.24
N PRO A 364 16.71 7.74 32.56
CA PRO A 364 16.92 6.44 31.92
C PRO A 364 15.68 5.55 32.02
N GLN A 365 14.99 5.59 33.16
CA GLN A 365 13.81 4.75 33.41
C GLN A 365 12.64 5.08 32.46
N VAL A 366 12.35 6.36 32.25
CA VAL A 366 11.34 6.78 31.29
C VAL A 366 11.75 6.43 29.84
N ALA A 367 13.03 6.61 29.51
CA ALA A 367 13.56 6.22 28.20
C ALA A 367 13.44 4.71 27.97
N ALA A 368 13.75 3.91 29.00
CA ALA A 368 13.58 2.46 28.93
C ALA A 368 12.12 2.02 28.70
N LYS A 369 11.17 2.69 29.35
CA LYS A 369 9.74 2.38 29.20
C LYS A 369 9.22 2.78 27.82
N LEU A 370 9.72 3.92 27.31
CA LEU A 370 9.39 4.36 25.94
C LEU A 370 9.95 3.39 24.90
N THR A 371 11.17 2.92 25.13
CA THR A 371 11.77 1.85 24.33
C THR A 371 10.87 0.58 24.29
N GLU A 372 10.33 0.17 25.46
CA GLU A 372 9.43 -0.99 25.57
C GLU A 372 8.20 -0.77 24.73
N LEU A 373 7.56 0.38 24.94
CA LEU A 373 6.35 0.73 24.21
C LEU A 373 6.58 0.76 22.70
N MET A 374 7.75 1.27 22.30
CA MET A 374 8.10 1.41 20.91
C MET A 374 8.36 0.08 20.21
N VAL A 375 9.05 -0.84 20.89
CA VAL A 375 9.19 -2.22 20.39
C VAL A 375 7.81 -2.86 20.13
N GLY A 376 6.88 -2.65 21.05
CA GLY A 376 5.51 -3.16 20.93
C GLY A 376 4.78 -2.56 19.74
N ALA A 377 4.93 -1.26 19.52
CA ALA A 377 4.28 -0.57 18.40
C ALA A 377 4.85 -0.99 17.05
N GLU A 378 6.15 -1.32 17.02
CA GLU A 378 6.78 -1.94 15.84
C GLU A 378 6.20 -3.31 15.47
N LYS A 379 5.97 -4.17 16.48
CA LYS A 379 5.42 -5.51 16.24
C LYS A 379 3.97 -5.44 15.75
N VAL A 380 3.24 -4.43 16.20
CA VAL A 380 1.86 -4.20 15.78
C VAL A 380 1.80 -3.69 14.32
N ALA A 381 2.57 -2.64 14.01
CA ALA A 381 2.59 -2.01 12.68
C ALA A 381 2.76 -3.02 11.54
N GLN A 382 2.26 -2.64 10.36
CA GLN A 382 2.50 -3.40 9.12
C GLN A 382 3.97 -3.82 9.06
N GLN A 383 4.24 -5.02 8.57
CA GLN A 383 5.55 -5.66 8.75
C GLN A 383 6.52 -5.66 7.55
N LYS A 384 6.17 -4.96 6.47
CA LYS A 384 7.00 -4.90 5.26
C LYS A 384 8.42 -4.35 5.51
N GLY A 385 9.42 -5.11 5.09
CA GLY A 385 10.82 -4.72 5.20
C GLY A 385 11.50 -5.06 6.52
N ALA A 386 10.80 -5.82 7.38
CA ALA A 386 11.33 -6.23 8.69
C ALA A 386 12.55 -7.15 8.53
N ILE A 387 13.58 -6.91 9.34
CA ILE A 387 14.87 -7.58 9.21
C ILE A 387 15.02 -8.75 10.21
N PRO A 388 15.05 -9.99 9.70
CA PRO A 388 15.21 -11.18 10.56
C PRO A 388 16.31 -11.01 11.62
N GLY A 389 15.96 -11.28 12.88
CA GLY A 389 16.91 -11.14 14.01
C GLY A 389 17.36 -9.74 14.39
N VAL A 390 16.66 -8.70 13.90
CA VAL A 390 16.92 -7.35 14.39
C VAL A 390 15.64 -6.77 15.02
N GLN A 391 15.71 -6.48 16.31
CA GLN A 391 14.61 -5.89 17.06
C GLN A 391 14.58 -4.37 16.87
N ILE A 392 13.49 -3.86 16.29
CA ILE A 392 13.32 -2.44 16.04
C ILE A 392 12.30 -1.83 17.01
N ALA A 393 12.57 -0.62 17.48
CA ALA A 393 11.60 0.18 18.24
C ALA A 393 11.18 1.32 17.37
N SER A 394 9.88 1.59 17.30
CA SER A 394 9.39 2.58 16.37
C SER A 394 8.09 3.19 16.81
N LYS A 395 7.68 4.22 16.09
CA LYS A 395 6.33 4.75 16.17
C LYS A 395 5.96 5.32 14.80
N THR A 396 4.84 4.84 14.26
CA THR A 396 4.28 5.36 12.99
C THR A 396 3.44 6.59 13.23
N GLY A 397 3.14 7.31 12.15
CA GLY A 397 2.23 8.44 12.23
C GLY A 397 1.68 8.76 10.86
N THR A 398 0.46 9.27 10.84
CA THR A 398 -0.14 9.82 9.64
C THR A 398 -0.86 11.10 10.02
N ALA A 399 -0.35 12.21 9.48
CA ALA A 399 -0.72 13.53 9.93
C ALA A 399 -1.54 14.25 8.88
N GLU A 400 -2.73 14.73 9.29
CA GLU A 400 -3.53 15.59 8.45
C GLU A 400 -2.92 16.99 8.42
N HIS A 401 -3.17 17.72 7.34
CA HIS A 401 -2.53 19.03 7.15
C HIS A 401 -3.28 19.86 6.14
N GLY A 402 -3.09 21.17 6.23
CA GLY A 402 -3.64 22.06 5.23
C GLY A 402 -4.98 22.67 5.56
N THR A 403 -5.45 23.49 4.62
CA THR A 403 -6.66 24.29 4.75
C THR A 403 -7.92 23.46 4.42
N ASP A 404 -7.70 22.28 3.83
CA ASP A 404 -8.76 21.33 3.51
C ASP A 404 -8.27 19.94 3.94
N PRO A 405 -7.98 19.76 5.24
CA PRO A 405 -7.24 18.57 5.68
C PRO A 405 -7.96 17.24 5.40
N ARG A 406 -9.30 17.25 5.42
CA ARG A 406 -10.07 16.02 5.23
C ARG A 406 -10.04 15.50 3.79
N HIS A 407 -9.75 16.40 2.85
CA HIS A 407 -9.74 16.06 1.42
C HIS A 407 -8.33 16.16 0.85
N THR A 408 -7.35 16.20 1.76
CA THR A 408 -5.94 16.35 1.43
C THR A 408 -5.19 15.13 1.92
N PRO A 409 -4.35 14.52 1.06
CA PRO A 409 -3.64 13.31 1.51
C PRO A 409 -2.64 13.61 2.64
N PRO A 410 -2.65 12.78 3.69
CA PRO A 410 -1.87 13.03 4.91
C PRO A 410 -0.40 12.66 4.72
N HIS A 411 0.47 13.19 5.58
CA HIS A 411 1.88 12.78 5.57
C HIS A 411 2.00 11.47 6.28
N ALA A 412 2.82 10.57 5.74
CA ALA A 412 3.14 9.31 6.40
C ALA A 412 4.49 9.42 7.10
N TRP A 413 4.50 9.17 8.41
CA TRP A 413 5.68 9.32 9.23
C TRP A 413 6.11 8.01 9.83
N TYR A 414 7.42 7.84 10.00
CA TYR A 414 7.97 6.73 10.77
C TYR A 414 9.27 7.16 11.45
N ILE A 415 9.29 7.08 12.79
CA ILE A 415 10.52 7.25 13.56
C ILE A 415 10.84 5.93 14.23
N ALA A 416 12.13 5.63 14.38
CA ALA A 416 12.56 4.32 14.86
C ALA A 416 14.03 4.27 15.28
N PHE A 417 14.38 3.24 16.04
CA PHE A 417 15.79 2.97 16.36
C PHE A 417 16.05 1.47 16.54
N ALA A 418 17.31 1.06 16.37
CA ALA A 418 17.67 -0.35 16.31
C ALA A 418 19.18 -0.58 16.46
N PRO A 419 19.58 -1.77 16.96
CA PRO A 419 18.76 -2.77 17.66
C PRO A 419 18.21 -2.13 18.94
N ALA A 420 16.95 -2.40 19.29
CA ALA A 420 16.30 -1.73 20.43
C ALA A 420 17.07 -1.81 21.75
N GLN A 421 17.91 -2.83 21.89
CA GLN A 421 18.56 -3.12 23.18
C GLN A 421 19.86 -2.35 23.31
N ALA A 422 20.56 -2.18 22.19
CA ALA A 422 21.78 -1.39 22.16
C ALA A 422 21.93 -0.66 20.81
N PRO A 423 21.19 0.46 20.64
CA PRO A 423 20.97 1.15 19.35
C PRO A 423 22.22 1.67 18.63
N LYS A 424 22.27 1.44 17.32
CA LYS A 424 23.37 1.89 16.47
C LYS A 424 22.90 2.95 15.50
N VAL A 425 21.59 3.10 15.36
CA VAL A 425 21.01 4.04 14.41
C VAL A 425 19.60 4.48 14.85
N ALA A 426 19.25 5.72 14.54
CA ALA A 426 17.87 6.16 14.71
C ALA A 426 17.46 6.84 13.41
N VAL A 427 16.24 6.61 12.94
CA VAL A 427 15.76 7.17 11.68
C VAL A 427 14.48 7.94 11.86
N ALA A 428 14.25 8.92 10.99
CA ALA A 428 12.93 9.45 10.75
C ALA A 428 12.66 9.38 9.27
N VAL A 429 11.45 8.99 8.89
CA VAL A 429 11.04 9.00 7.49
C VAL A 429 9.79 9.83 7.41
N LEU A 430 9.81 10.85 6.55
CA LEU A 430 8.60 11.58 6.23
C LEU A 430 8.25 11.38 4.75
N VAL A 431 7.08 10.83 4.50
CA VAL A 431 6.53 10.78 3.16
C VAL A 431 5.47 11.86 3.14
N GLU A 432 5.86 13.01 2.61
CA GLU A 432 5.01 14.19 2.53
C GLU A 432 3.90 13.97 1.51
N ASN A 433 2.67 14.22 1.93
CA ASN A 433 1.45 13.92 1.15
C ASN A 433 1.17 12.47 0.84
N GLY A 434 1.88 11.57 1.52
CA GLY A 434 1.63 10.12 1.44
C GLY A 434 1.32 9.58 0.06
N ALA A 435 2.28 9.70 -0.86
CA ALA A 435 2.17 9.17 -2.23
C ALA A 435 0.91 9.63 -2.94
N ASP A 436 0.42 10.82 -2.59
CA ASP A 436 -0.83 11.37 -3.13
C ASP A 436 -2.07 10.48 -2.91
N ARG A 437 -2.08 9.77 -1.77
CA ARG A 437 -3.21 8.92 -1.36
C ARG A 437 -3.85 9.37 -0.06
N LEU A 438 -5.17 9.57 -0.11
CA LEU A 438 -5.98 9.94 1.04
C LEU A 438 -5.91 8.89 2.17
N SER A 439 -5.67 7.63 1.78
CA SER A 439 -5.61 6.53 2.73
C SER A 439 -4.17 6.13 3.10
N ALA A 440 -3.21 6.98 2.74
CA ALA A 440 -1.81 6.82 3.16
C ALA A 440 -1.64 6.65 4.66
N THR A 441 -0.76 5.74 5.05
CA THR A 441 -0.38 5.59 6.46
C THR A 441 1.14 5.46 6.60
N GLY A 442 1.65 5.84 7.78
CA GLY A 442 3.06 5.69 8.10
C GLY A 442 3.54 4.26 8.02
N GLY A 443 2.73 3.35 8.58
CA GLY A 443 3.03 1.92 8.56
C GLY A 443 3.17 1.36 7.15
N ALA A 444 2.28 1.81 6.25
CA ALA A 444 2.25 1.30 4.87
C ALA A 444 3.35 1.88 3.99
N LEU A 445 3.59 3.19 4.13
CA LEU A 445 4.54 3.90 3.24
C LEU A 445 5.88 4.16 3.87
N ALA A 446 5.87 4.79 5.03
CA ALA A 446 7.09 5.29 5.66
C ALA A 446 7.90 4.18 6.34
N ALA A 447 7.23 3.22 6.98
CA ALA A 447 7.91 2.17 7.74
C ALA A 447 8.85 1.29 6.93
N PRO A 448 8.42 0.79 5.75
CA PRO A 448 9.36 0.00 4.93
C PRO A 448 10.57 0.80 4.43
N ILE A 449 10.41 2.10 4.25
CA ILE A 449 11.53 2.99 3.88
C ILE A 449 12.52 3.07 5.05
N GLY A 450 11.99 3.33 6.25
CA GLY A 450 12.75 3.33 7.51
C GLY A 450 13.46 2.02 7.75
N ARG A 451 12.78 0.90 7.49
CA ARG A 451 13.40 -0.41 7.74
C ARG A 451 14.57 -0.71 6.82
N ALA A 452 14.46 -0.26 5.57
CA ALA A 452 15.52 -0.46 4.57
C ALA A 452 16.78 0.37 4.92
N VAL A 453 16.57 1.59 5.40
CA VAL A 453 17.62 2.44 5.94
C VAL A 453 18.25 1.81 7.18
N ILE A 454 17.42 1.33 8.10
CA ILE A 454 17.94 0.60 9.27
C ILE A 454 18.82 -0.57 8.81
N GLU A 455 18.29 -1.40 7.90
CA GLU A 455 19.06 -2.55 7.39
C GLU A 455 20.40 -2.16 6.77
N ALA A 456 20.42 -1.08 6.01
CA ALA A 456 21.66 -0.54 5.42
C ALA A 456 22.67 -0.11 6.49
N ALA A 457 22.17 0.56 7.53
CA ALA A 457 23.01 1.00 8.65
C ALA A 457 23.61 -0.17 9.48
N LEU A 458 22.91 -1.29 9.56
CA LEU A 458 23.36 -2.42 10.38
C LEU A 458 24.13 -3.49 9.62
N GLN A 459 24.22 -3.36 8.30
CA GLN A 459 24.80 -4.40 7.43
C GLN A 459 26.27 -4.72 7.73
N SER B 20 -26.13 -41.73 11.77
CA SER B 20 -25.88 -43.19 11.70
C SER B 20 -24.89 -43.55 10.58
N ARG B 21 -25.05 -42.95 9.41
CA ARG B 21 -24.14 -43.20 8.28
C ARG B 21 -22.92 -42.28 8.30
N GLN B 22 -21.75 -42.81 7.95
CA GLN B 22 -20.55 -41.99 7.77
C GLN B 22 -20.65 -41.12 6.51
N ARG B 23 -20.64 -39.81 6.72
CA ARG B 23 -20.71 -38.82 5.64
C ARG B 23 -19.44 -38.86 4.79
N GLY B 24 -19.64 -38.81 3.47
CA GLY B 24 -18.54 -38.87 2.51
C GLY B 24 -17.78 -37.56 2.36
N GLN B 25 -16.77 -37.58 1.48
CA GLN B 25 -15.77 -36.53 1.44
C GLN B 25 -15.98 -35.48 0.33
N ILE B 26 -15.64 -34.22 0.64
CA ILE B 26 -15.46 -33.18 -0.38
C ILE B 26 -13.96 -33.04 -0.60
N THR B 27 -13.52 -33.13 -1.86
CA THR B 27 -12.09 -33.19 -2.20
C THR B 27 -11.66 -32.17 -3.26
N ALA B 28 -10.35 -31.93 -3.31
CA ALA B 28 -9.72 -31.06 -4.30
C ALA B 28 -8.27 -31.50 -4.50
N GLY B 29 -7.84 -31.63 -5.75
CA GLY B 29 -6.48 -32.06 -6.07
C GLY B 29 -6.02 -33.36 -5.42
N GLY B 30 -6.98 -34.24 -5.09
CA GLY B 30 -6.70 -35.46 -4.32
C GLY B 30 -6.42 -35.18 -2.85
N GLN B 31 -6.95 -34.07 -2.34
CA GLN B 31 -6.82 -33.71 -0.92
C GLN B 31 -8.21 -33.48 -0.31
N LEU B 32 -8.27 -33.56 1.02
CA LEU B 32 -9.55 -33.45 1.74
C LEU B 32 -9.89 -32.03 2.11
N LEU B 33 -11.11 -31.61 1.77
CA LEU B 33 -11.63 -30.30 2.16
C LEU B 33 -12.64 -30.45 3.29
N ALA B 34 -13.26 -31.63 3.34
CA ALA B 34 -14.26 -31.96 4.34
C ALA B 34 -14.36 -33.47 4.43
N TYR B 35 -14.43 -33.97 5.66
CA TYR B 35 -14.64 -35.40 5.91
C TYR B 35 -15.23 -35.59 7.29
N SER B 36 -15.62 -36.83 7.59
CA SER B 36 -16.21 -37.18 8.88
C SER B 36 -15.37 -38.21 9.66
N VAL B 37 -15.12 -37.92 10.92
CA VAL B 37 -14.40 -38.83 11.81
C VAL B 37 -15.39 -39.54 12.76
N ALA B 38 -15.14 -40.83 12.95
CA ALA B 38 -15.89 -41.64 13.91
C ALA B 38 -15.38 -41.33 15.30
N THR B 39 -16.28 -40.88 16.18
CA THR B 39 -15.93 -40.54 17.56
C THR B 39 -16.77 -41.34 18.54
N ASP B 40 -16.42 -41.19 19.82
CA ASP B 40 -17.18 -41.73 20.92
C ASP B 40 -18.42 -40.88 21.27
N GLY B 41 -18.72 -39.88 20.45
CA GLY B 41 -19.85 -38.99 20.73
C GLY B 41 -21.20 -39.67 20.69
N ARG B 42 -22.15 -39.08 21.43
CA ARG B 42 -23.59 -39.37 21.32
C ARG B 42 -24.00 -39.48 19.86
N PHE B 43 -23.65 -38.45 19.07
CA PHE B 43 -23.68 -38.51 17.61
C PHE B 43 -22.27 -38.89 17.19
N ARG B 44 -22.17 -40.05 16.55
CA ARG B 44 -20.91 -40.70 16.22
C ARG B 44 -19.93 -39.89 15.38
N PHE B 45 -20.42 -39.17 14.38
CA PHE B 45 -19.53 -38.58 13.36
C PHE B 45 -19.29 -37.09 13.47
N LEU B 46 -18.02 -36.72 13.66
CA LEU B 46 -17.66 -35.30 13.64
C LEU B 46 -17.19 -34.88 12.24
N ARG B 47 -17.83 -33.86 11.68
CA ARG B 47 -17.36 -33.28 10.43
C ARG B 47 -16.11 -32.44 10.68
N VAL B 48 -15.03 -32.75 9.97
CA VAL B 48 -13.76 -32.03 10.06
C VAL B 48 -13.46 -31.26 8.76
N TYR B 49 -13.11 -29.98 8.93
CA TYR B 49 -12.62 -29.13 7.84
C TYR B 49 -11.15 -28.77 8.10
N PRO B 50 -10.22 -29.50 7.44
CA PRO B 50 -8.77 -29.41 7.71
C PRO B 50 -8.11 -28.08 7.35
N ASN B 51 -8.72 -27.30 6.45
CA ASN B 51 -8.19 -25.96 6.09
C ASN B 51 -9.37 -24.99 5.97
N PRO B 52 -9.98 -24.63 7.13
CA PRO B 52 -11.37 -24.15 7.21
C PRO B 52 -11.69 -22.90 6.39
N GLU B 53 -11.12 -21.76 6.74
CA GLU B 53 -11.47 -20.48 6.11
C GLU B 53 -11.21 -20.45 4.61
N VAL B 54 -10.15 -21.15 4.19
CA VAL B 54 -9.71 -21.13 2.81
C VAL B 54 -10.74 -21.79 1.90
N TYR B 55 -11.30 -22.90 2.35
CA TYR B 55 -12.24 -23.66 1.54
C TYR B 55 -13.69 -23.46 1.94
N ALA B 56 -13.94 -22.61 2.93
CA ALA B 56 -15.31 -22.31 3.38
C ALA B 56 -16.32 -21.88 2.28
N PRO B 57 -15.90 -21.07 1.28
CA PRO B 57 -16.82 -20.74 0.16
C PRO B 57 -17.26 -21.96 -0.67
N VAL B 58 -16.39 -22.95 -0.74
CA VAL B 58 -16.66 -24.19 -1.43
C VAL B 58 -17.43 -25.23 -0.56
N THR B 59 -16.90 -25.58 0.61
CA THR B 59 -17.52 -26.63 1.44
C THR B 59 -18.82 -26.15 2.09
N GLY B 60 -18.83 -24.89 2.51
CA GLY B 60 -19.81 -24.42 3.48
C GLY B 60 -19.64 -25.23 4.77
N PHE B 61 -20.72 -25.33 5.53
CA PHE B 61 -20.71 -26.13 6.74
C PHE B 61 -21.83 -27.17 6.74
N TYR B 62 -21.65 -28.19 7.58
CA TYR B 62 -22.69 -29.18 7.88
C TYR B 62 -22.83 -29.18 9.39
N SER B 63 -23.98 -28.78 9.91
CA SER B 63 -24.14 -28.66 11.35
C SER B 63 -25.31 -29.51 11.86
N LEU B 64 -25.29 -29.81 13.16
CA LEU B 64 -26.37 -30.60 13.75
C LEU B 64 -27.64 -29.78 13.92
N ARG B 65 -27.50 -28.50 14.29
CA ARG B 65 -28.68 -27.70 14.55
C ARG B 65 -28.85 -26.44 13.69
N TYR B 66 -28.00 -26.22 12.67
CA TYR B 66 -27.95 -24.88 12.04
C TYR B 66 -27.88 -24.50 10.53
N SER B 67 -27.96 -25.35 9.49
CA SER B 67 -28.07 -26.78 9.39
C SER B 67 -26.99 -27.16 8.36
N SER B 68 -27.15 -26.81 7.08
CA SER B 68 -26.05 -26.91 6.09
C SER B 68 -25.98 -25.78 4.99
N THR B 69 -24.80 -25.60 4.38
CA THR B 69 -24.61 -24.63 3.29
C THR B 69 -23.66 -25.12 2.19
N ALA B 70 -23.62 -24.37 1.10
CA ALA B 70 -22.73 -24.60 -0.05
C ALA B 70 -22.77 -26.04 -0.60
N LEU B 71 -21.61 -26.67 -0.82
CA LEU B 71 -21.60 -28.05 -1.32
C LEU B 71 -22.13 -29.10 -0.31
N GLU B 72 -21.90 -28.87 0.98
CA GLU B 72 -22.49 -29.72 2.02
C GLU B 72 -24.01 -29.78 1.83
N ARG B 73 -24.59 -28.64 1.46
CA ARG B 73 -26.03 -28.57 1.22
C ARG B 73 -26.40 -29.06 -0.19
N ALA B 74 -25.79 -28.45 -1.22
CA ALA B 74 -26.06 -28.81 -2.60
C ALA B 74 -25.90 -30.32 -2.88
N GLU B 75 -24.90 -30.94 -2.27
CA GLU B 75 -24.58 -32.33 -2.58
C GLU B 75 -24.91 -33.30 -1.44
N ASP B 76 -25.80 -32.89 -0.56
CA ASP B 76 -26.13 -33.63 0.66
C ASP B 76 -26.56 -35.10 0.43
N PRO B 77 -27.47 -35.38 -0.52
CA PRO B 77 -27.87 -36.78 -0.80
C PRO B 77 -26.71 -37.71 -1.14
N ILE B 78 -25.77 -37.24 -1.97
CA ILE B 78 -24.56 -37.99 -2.28
C ILE B 78 -23.68 -38.18 -1.03
N LEU B 79 -23.33 -37.06 -0.39
CA LEU B 79 -22.44 -37.09 0.76
C LEU B 79 -23.03 -37.93 1.91
N ASN B 80 -24.32 -37.77 2.17
CA ASN B 80 -24.96 -38.53 3.26
C ASN B 80 -25.29 -39.98 2.84
N GLY B 81 -25.35 -40.22 1.53
CA GLY B 81 -25.52 -41.56 1.00
C GLY B 81 -26.94 -41.93 0.59
N SER B 82 -27.88 -41.01 0.83
CA SER B 82 -29.30 -41.25 0.56
C SER B 82 -29.67 -40.99 -0.89
N ASP B 83 -28.69 -40.67 -1.74
CA ASP B 83 -28.92 -40.48 -3.18
C ASP B 83 -29.29 -41.80 -3.83
N ARG B 84 -30.33 -41.78 -4.66
CA ARG B 84 -30.88 -43.00 -5.27
C ARG B 84 -29.90 -43.77 -6.16
N ARG B 85 -28.93 -43.06 -6.73
CA ARG B 85 -27.83 -43.66 -7.49
C ARG B 85 -26.83 -44.41 -6.62
N LEU B 86 -26.98 -44.31 -5.30
CA LEU B 86 -26.08 -45.01 -4.38
C LEU B 86 -26.75 -46.23 -3.75
N PHE B 87 -27.91 -46.61 -4.31
CA PHE B 87 -28.73 -47.66 -3.73
C PHE B 87 -28.17 -49.06 -3.98
N GLY B 88 -27.63 -49.29 -5.19
CA GLY B 88 -26.97 -50.55 -5.51
C GLY B 88 -25.75 -50.78 -4.64
N ARG B 89 -25.15 -49.67 -4.20
CA ARG B 89 -24.01 -49.67 -3.28
C ARG B 89 -24.41 -49.95 -1.84
N ARG B 90 -25.53 -49.37 -1.40
CA ARG B 90 -26.01 -49.56 -0.02
C ARG B 90 -26.53 -50.98 0.23
N LEU B 91 -27.21 -51.55 -0.75
CA LEU B 91 -27.72 -52.92 -0.68
C LEU B 91 -26.58 -53.97 -0.68
N ALA B 92 -25.63 -53.79 -1.59
CA ALA B 92 -24.48 -54.68 -1.70
C ALA B 92 -23.56 -54.59 -0.49
N ASP B 93 -23.71 -53.54 0.31
CA ASP B 93 -22.91 -53.34 1.53
C ASP B 93 -23.59 -53.87 2.79
N PHE B 94 -24.85 -53.47 3.02
CA PHE B 94 -25.59 -53.88 4.21
C PHE B 94 -26.25 -55.27 4.03
N PHE B 95 -25.69 -56.03 3.09
CA PHE B 95 -25.96 -57.45 2.92
C PHE B 95 -24.65 -58.22 2.75
N THR B 96 -23.56 -57.47 2.64
CA THR B 96 -22.21 -58.03 2.68
C THR B 96 -21.50 -57.69 4.00
N GLY B 97 -22.21 -56.96 4.87
CA GLY B 97 -21.72 -56.61 6.20
C GLY B 97 -20.60 -55.59 6.22
N ARG B 98 -20.76 -54.51 5.47
CA ARG B 98 -19.76 -53.43 5.43
C ARG B 98 -20.30 -52.11 5.99
N ASP B 99 -19.43 -51.40 6.71
CA ASP B 99 -19.58 -49.97 7.06
C ASP B 99 -20.47 -49.26 6.04
N PRO B 100 -21.63 -48.74 6.49
CA PRO B 100 -22.44 -47.91 5.57
C PRO B 100 -21.78 -46.53 5.41
N ARG B 101 -21.54 -46.13 4.16
CA ARG B 101 -20.83 -44.88 3.89
C ARG B 101 -21.47 -44.05 2.78
N GLY B 102 -21.32 -42.73 2.88
CA GLY B 102 -21.77 -41.81 1.83
C GLY B 102 -20.79 -41.76 0.68
N GLY B 103 -21.21 -41.14 -0.42
CA GLY B 103 -20.35 -40.95 -1.57
C GLY B 103 -19.49 -39.68 -1.50
N ASN B 104 -18.51 -39.60 -2.40
CA ASN B 104 -17.59 -38.47 -2.46
C ASN B 104 -17.97 -37.42 -3.48
N VAL B 105 -17.65 -36.16 -3.16
CA VAL B 105 -17.78 -35.05 -4.11
C VAL B 105 -16.38 -34.56 -4.48
N ASP B 106 -16.02 -34.73 -5.75
CA ASP B 106 -14.71 -34.30 -6.22
C ASP B 106 -14.82 -32.98 -6.97
N THR B 107 -14.28 -31.93 -6.36
CA THR B 107 -14.38 -30.58 -6.90
C THR B 107 -13.28 -30.29 -7.92
N THR B 108 -13.47 -29.23 -8.70
CA THR B 108 -12.50 -28.78 -9.68
C THR B 108 -11.31 -27.93 -9.14
N ILE B 109 -11.40 -27.53 -7.87
CA ILE B 109 -10.44 -26.64 -7.22
C ILE B 109 -8.99 -27.13 -7.32
N ASN B 110 -8.09 -26.26 -7.76
CA ASN B 110 -6.67 -26.56 -7.64
C ASN B 110 -6.19 -25.94 -6.31
N PRO B 111 -5.85 -26.79 -5.30
CA PRO B 111 -5.51 -26.33 -3.93
C PRO B 111 -4.42 -25.25 -3.90
N ARG B 112 -3.37 -25.45 -4.69
CA ARG B 112 -2.29 -24.48 -4.87
C ARG B 112 -2.84 -23.10 -5.25
N ILE B 113 -3.78 -23.06 -6.19
CA ILE B 113 -4.37 -21.79 -6.66
C ILE B 113 -5.32 -21.16 -5.63
N GLN B 114 -6.15 -21.99 -5.00
CA GLN B 114 -7.05 -21.54 -3.95
C GLN B 114 -6.29 -20.94 -2.76
N GLN B 115 -5.19 -21.61 -2.38
CA GLN B 115 -4.32 -21.18 -1.29
C GLN B 115 -3.58 -19.86 -1.60
N ALA B 116 -2.97 -19.77 -2.77
CA ALA B 116 -2.34 -18.54 -3.24
C ALA B 116 -3.32 -17.36 -3.27
N GLY B 117 -4.57 -17.63 -3.62
CA GLY B 117 -5.61 -16.58 -3.68
C GLY B 117 -5.99 -16.09 -2.30
N TRP B 118 -6.23 -17.04 -1.39
CA TRP B 118 -6.46 -16.73 0.02
C TRP B 118 -5.26 -15.99 0.62
N ASP B 119 -4.05 -16.49 0.36
CA ASP B 119 -2.85 -15.91 0.93
C ASP B 119 -2.66 -14.47 0.49
N ALA B 120 -2.74 -14.24 -0.82
CA ALA B 120 -2.64 -12.90 -1.38
C ALA B 120 -3.69 -11.96 -0.77
N MET B 121 -4.94 -12.42 -0.67
CA MET B 121 -6.03 -11.61 -0.07
C MET B 121 -5.82 -11.27 1.41
N GLN B 122 -5.11 -12.14 2.13
CA GLN B 122 -4.82 -11.88 3.54
C GLN B 122 -3.65 -10.90 3.70
N GLN B 123 -2.72 -10.89 2.75
CA GLN B 123 -1.53 -10.02 2.82
C GLN B 123 -1.71 -8.72 2.04
N GLY B 124 -2.59 -8.74 1.05
CA GLY B 124 -2.60 -7.77 -0.05
C GLY B 124 -3.12 -6.37 0.21
N CYS B 125 -3.79 -6.15 1.35
CA CYS B 125 -4.32 -4.81 1.70
C CYS B 125 -3.68 -4.20 2.95
N TYR B 126 -2.35 -4.34 3.07
CA TYR B 126 -1.63 -3.95 4.29
C TYR B 126 -2.23 -4.64 5.52
N GLY B 127 -2.43 -5.95 5.37
CA GLY B 127 -3.36 -6.73 6.20
C GLY B 127 -4.41 -7.33 5.28
N PRO B 128 -5.46 -7.94 5.85
CA PRO B 128 -6.46 -8.68 5.07
C PRO B 128 -7.45 -7.88 4.23
N CYS B 129 -7.64 -8.31 2.98
CA CYS B 129 -8.63 -7.72 2.08
C CYS B 129 -10.02 -8.30 2.25
N LYS B 130 -11.00 -7.45 2.03
CA LYS B 130 -12.39 -7.82 1.85
C LYS B 130 -12.64 -7.91 0.32
N GLY B 131 -13.15 -9.05 -0.14
CA GLY B 131 -13.52 -9.23 -1.57
C GLY B 131 -13.44 -10.67 -2.04
N ALA B 132 -12.98 -10.87 -3.27
CA ALA B 132 -13.04 -12.19 -3.90
C ALA B 132 -11.95 -12.44 -4.94
N VAL B 133 -11.58 -13.70 -5.10
CA VAL B 133 -10.74 -14.15 -6.21
C VAL B 133 -11.38 -15.36 -6.88
N VAL B 134 -11.56 -15.30 -8.20
CA VAL B 134 -12.06 -16.45 -8.97
C VAL B 134 -11.00 -16.86 -9.98
N ALA B 135 -10.68 -18.15 -10.04
CA ALA B 135 -9.81 -18.70 -11.10
C ALA B 135 -10.57 -19.73 -11.93
N LEU B 136 -10.45 -19.64 -13.26
CA LEU B 136 -11.11 -20.57 -14.18
C LEU B 136 -10.12 -21.08 -15.21
N GLU B 137 -10.39 -22.29 -15.72
CA GLU B 137 -9.66 -22.84 -16.86
C GLU B 137 -10.48 -22.55 -18.12
N PRO B 138 -9.98 -21.65 -18.98
CA PRO B 138 -10.73 -21.18 -20.16
C PRO B 138 -11.26 -22.30 -21.05
N SER B 139 -10.44 -23.31 -21.30
CA SER B 139 -10.79 -24.37 -22.27
C SER B 139 -11.84 -25.38 -21.78
N THR B 140 -12.10 -25.42 -20.47
CA THR B 140 -13.00 -26.41 -19.89
C THR B 140 -14.11 -25.82 -19.01
N GLY B 141 -13.85 -24.69 -18.36
CA GLY B 141 -14.86 -24.06 -17.50
C GLY B 141 -14.71 -24.47 -16.06
N LYS B 142 -13.68 -25.27 -15.78
CA LYS B 142 -13.32 -25.69 -14.44
C LYS B 142 -13.09 -24.46 -13.57
N ILE B 143 -13.69 -24.46 -12.37
CA ILE B 143 -13.50 -23.40 -11.41
C ILE B 143 -12.33 -23.83 -10.54
N LEU B 144 -11.18 -23.20 -10.79
CA LEU B 144 -9.90 -23.57 -10.21
C LEU B 144 -9.67 -22.94 -8.83
N ALA B 145 -10.31 -21.80 -8.58
CA ALA B 145 -10.31 -21.20 -7.25
C ALA B 145 -11.58 -20.42 -7.10
N LEU B 146 -12.11 -20.43 -5.88
CA LEU B 146 -13.29 -19.67 -5.54
C LEU B 146 -13.05 -19.12 -4.14
N VAL B 147 -12.39 -17.96 -4.07
CA VAL B 147 -11.95 -17.36 -2.82
C VAL B 147 -12.82 -16.16 -2.40
N SER B 148 -13.25 -16.18 -1.14
CA SER B 148 -13.97 -15.05 -0.53
C SER B 148 -13.37 -14.69 0.82
N SER B 149 -13.26 -13.39 1.08
CA SER B 149 -12.62 -12.85 2.27
C SER B 149 -13.40 -11.64 2.76
N PRO B 150 -13.63 -11.53 4.09
CA PRO B 150 -13.20 -12.49 5.13
C PRO B 150 -13.99 -13.81 5.04
N SER B 151 -13.43 -14.87 5.61
CA SER B 151 -14.10 -16.17 5.62
C SER B 151 -14.35 -16.55 7.07
N TYR B 152 -14.59 -17.84 7.33
CA TYR B 152 -14.97 -18.30 8.66
C TYR B 152 -14.58 -19.77 8.83
N ASP B 153 -14.72 -20.30 10.05
CA ASP B 153 -14.32 -21.66 10.36
C ASP B 153 -15.56 -22.59 10.46
N PRO B 154 -15.83 -23.40 9.41
CA PRO B 154 -16.94 -24.36 9.47
C PRO B 154 -16.83 -25.45 10.56
N ASN B 155 -15.65 -25.67 11.15
CA ASN B 155 -15.51 -26.56 12.31
C ASN B 155 -16.35 -26.10 13.50
N LEU B 156 -16.57 -24.80 13.60
CA LEU B 156 -17.33 -24.23 14.70
C LEU B 156 -18.79 -24.60 14.59
N LEU B 157 -19.32 -24.62 13.37
CA LEU B 157 -20.71 -25.06 13.17
C LEU B 157 -20.83 -26.59 13.16
N ALA B 158 -19.73 -27.30 12.90
CA ALA B 158 -19.69 -28.77 13.00
C ALA B 158 -19.57 -29.27 14.43
N SER B 159 -19.33 -28.36 15.36
CA SER B 159 -19.13 -28.73 16.76
C SER B 159 -20.33 -29.49 17.32
N HIS B 160 -20.06 -30.54 18.08
CA HIS B 160 -21.12 -31.26 18.80
C HIS B 160 -21.55 -30.57 20.10
N ASN B 161 -20.86 -29.50 20.46
CA ASN B 161 -21.27 -28.61 21.53
C ASN B 161 -22.25 -27.58 20.96
N PRO B 162 -23.55 -27.66 21.36
CA PRO B 162 -24.58 -26.73 20.87
C PRO B 162 -24.32 -25.27 21.23
N GLU B 163 -23.57 -25.01 22.31
CA GLU B 163 -23.18 -23.65 22.66
C GLU B 163 -22.08 -23.11 21.77
N VAL B 164 -21.20 -23.98 21.31
CA VAL B 164 -20.18 -23.59 20.33
C VAL B 164 -20.84 -23.24 18.99
N GLN B 165 -21.76 -24.08 18.52
CA GLN B 165 -22.52 -23.79 17.29
C GLN B 165 -23.30 -22.48 17.42
N ALA B 166 -23.98 -22.30 18.55
CA ALA B 166 -24.88 -21.15 18.76
C ALA B 166 -24.16 -19.80 18.86
N GLN B 167 -23.02 -19.78 19.55
CA GLN B 167 -22.18 -18.59 19.64
C GLN B 167 -21.62 -18.19 18.27
N ALA B 168 -21.04 -19.16 17.57
CA ALA B 168 -20.47 -18.96 16.24
C ALA B 168 -21.51 -18.51 15.22
N TRP B 169 -22.72 -19.10 15.29
CA TRP B 169 -23.83 -18.70 14.45
C TRP B 169 -24.26 -17.24 14.70
N GLN B 170 -24.25 -16.85 15.97
CA GLN B 170 -24.64 -15.51 16.39
C GLN B 170 -23.60 -14.45 15.97
N ARG B 171 -22.33 -14.77 16.21
CA ARG B 171 -21.19 -13.90 15.91
C ARG B 171 -21.03 -13.65 14.40
N LEU B 172 -21.17 -14.71 13.62
CA LEU B 172 -21.05 -14.63 12.16
C LEU B 172 -22.18 -13.79 11.59
N GLY B 173 -23.39 -13.98 12.13
CA GLY B 173 -24.53 -13.11 11.82
C GLY B 173 -24.37 -11.65 12.19
N ASP B 174 -23.80 -11.36 13.35
CA ASP B 174 -23.61 -9.98 13.78
C ASP B 174 -22.42 -9.30 13.11
N ASN B 175 -21.54 -10.07 12.49
CA ASN B 175 -20.34 -9.50 11.89
C ASN B 175 -20.67 -8.65 10.63
N PRO B 176 -20.42 -7.32 10.71
CA PRO B 176 -20.80 -6.40 9.64
C PRO B 176 -20.02 -6.62 8.34
N ALA B 177 -18.88 -7.29 8.43
CA ALA B 177 -18.09 -7.67 7.26
C ALA B 177 -18.65 -8.93 6.59
N SER B 178 -19.57 -9.61 7.27
CA SER B 178 -20.36 -10.70 6.67
C SER B 178 -19.52 -11.85 6.07
N PRO B 179 -18.76 -12.57 6.91
CA PRO B 179 -17.88 -13.63 6.42
C PRO B 179 -18.62 -14.87 5.88
N LEU B 180 -19.90 -15.01 6.22
CA LEU B 180 -20.76 -16.07 5.65
C LEU B 180 -21.07 -15.87 4.15
N THR B 181 -20.97 -14.62 3.69
CA THR B 181 -21.25 -14.32 2.29
C THR B 181 -20.11 -14.80 1.42
N ASN B 182 -20.45 -15.56 0.39
CA ASN B 182 -19.49 -15.90 -0.64
C ASN B 182 -19.51 -14.80 -1.72
N ARG B 183 -18.55 -13.87 -1.59
CA ARG B 183 -18.45 -12.65 -2.40
C ARG B 183 -18.14 -12.95 -3.88
N ALA B 184 -17.62 -14.14 -4.16
CA ALA B 184 -17.26 -14.55 -5.53
C ALA B 184 -18.46 -14.79 -6.44
N ILE B 185 -19.58 -15.25 -5.87
CA ILE B 185 -20.74 -15.65 -6.66
C ILE B 185 -22.05 -15.05 -6.17
N SER B 186 -22.09 -14.65 -4.90
CA SER B 186 -23.33 -14.16 -4.30
C SER B 186 -23.48 -12.66 -4.30
N GLU B 187 -22.38 -11.93 -4.54
CA GLU B 187 -22.41 -10.47 -4.47
C GLU B 187 -22.06 -9.83 -5.81
N THR B 188 -22.72 -8.73 -6.14
CA THR B 188 -22.39 -8.03 -7.39
C THR B 188 -21.85 -6.64 -7.12
N TYR B 189 -20.99 -6.18 -8.02
CA TYR B 189 -20.30 -4.91 -7.90
C TYR B 189 -20.18 -4.25 -9.26
N PRO B 190 -20.18 -2.89 -9.30
CA PRO B 190 -19.90 -2.22 -10.56
C PRO B 190 -18.52 -2.66 -11.07
N PRO B 191 -18.43 -3.03 -12.36
CA PRO B 191 -17.15 -3.45 -12.91
C PRO B 191 -16.19 -2.30 -13.24
N GLY B 192 -16.70 -1.07 -13.34
CA GLY B 192 -15.86 0.10 -13.70
C GLY B 192 -15.12 -0.16 -15.01
N SER B 193 -13.85 0.23 -15.06
CA SER B 193 -13.06 0.14 -16.30
C SER B 193 -12.91 -1.24 -16.95
N THR B 194 -13.12 -2.32 -16.17
CA THR B 194 -13.05 -3.68 -16.74
C THR B 194 -14.13 -3.84 -17.80
N PHE B 195 -15.24 -3.12 -17.63
CA PHE B 195 -16.34 -3.18 -18.59
C PHE B 195 -16.02 -2.62 -19.97
N LYS B 196 -14.91 -1.90 -20.07
CA LYS B 196 -14.47 -1.35 -21.36
C LYS B 196 -14.16 -2.48 -22.35
N VAL B 197 -13.92 -3.67 -21.81
CA VAL B 197 -13.81 -4.89 -22.61
C VAL B 197 -15.10 -5.16 -23.41
N ILE B 198 -16.25 -4.98 -22.74
CA ILE B 198 -17.54 -5.19 -23.38
C ILE B 198 -17.87 -4.07 -24.36
N THR B 199 -17.56 -2.83 -23.97
CA THR B 199 -17.76 -1.66 -24.85
C THR B 199 -16.92 -1.80 -26.11
N THR B 200 -15.66 -2.21 -25.95
CA THR B 200 -14.77 -2.45 -27.08
C THR B 200 -15.26 -3.60 -27.96
N ALA B 201 -15.63 -4.72 -27.34
CA ALA B 201 -16.21 -5.87 -28.02
C ALA B 201 -17.38 -5.49 -28.93
N ALA B 202 -18.35 -4.75 -28.39
CA ALA B 202 -19.49 -4.30 -29.18
C ALA B 202 -19.05 -3.45 -30.38
N ALA B 203 -18.08 -2.55 -30.17
CA ALA B 203 -17.53 -1.71 -31.25
C ALA B 203 -16.76 -2.51 -32.31
N LEU B 204 -15.88 -3.42 -31.86
CA LEU B 204 -15.17 -4.30 -32.78
C LEU B 204 -16.13 -5.14 -33.62
N ALA B 205 -17.10 -5.75 -32.96
CA ALA B 205 -18.12 -6.56 -33.64
C ALA B 205 -18.92 -5.77 -34.69
N ALA B 206 -19.12 -4.48 -34.44
CA ALA B 206 -19.88 -3.61 -35.34
C ALA B 206 -19.02 -2.98 -36.47
N GLY B 207 -17.73 -3.32 -36.50
CA GLY B 207 -16.86 -2.93 -37.60
C GLY B 207 -15.72 -1.98 -37.28
N ALA B 208 -15.70 -1.43 -36.07
CA ALA B 208 -14.60 -0.55 -35.64
C ALA B 208 -13.25 -1.27 -35.61
N THR B 209 -12.17 -0.52 -35.79
CA THR B 209 -10.80 -1.04 -35.68
C THR B 209 -10.06 -0.33 -34.54
N GLU B 210 -8.92 -0.90 -34.13
CA GLU B 210 -8.12 -0.35 -33.04
C GLU B 210 -7.49 1.03 -33.36
N THR B 211 -7.55 1.45 -34.63
CA THR B 211 -7.07 2.76 -35.08
C THR B 211 -8.19 3.82 -35.12
N GLU B 212 -9.41 3.41 -34.76
CA GLU B 212 -10.54 4.33 -34.65
C GLU B 212 -10.19 5.48 -33.72
N GLN B 213 -10.36 6.70 -34.21
CA GLN B 213 -10.06 7.89 -33.41
C GLN B 213 -11.24 8.29 -32.54
N LEU B 214 -10.97 8.43 -31.24
CA LEU B 214 -11.96 8.82 -30.25
C LEU B 214 -11.48 10.08 -29.51
N THR B 215 -12.35 10.71 -28.73
CA THR B 215 -12.00 11.93 -28.01
C THR B 215 -10.91 11.71 -26.93
N ALA B 216 -9.96 12.67 -26.86
CA ALA B 216 -8.92 12.68 -25.83
C ALA B 216 -9.29 13.62 -24.69
N ALA B 217 -10.43 14.29 -24.80
CA ALA B 217 -10.82 15.35 -23.87
C ALA B 217 -10.89 14.84 -22.43
N PRO B 218 -10.39 15.63 -21.46
CA PRO B 218 -10.39 15.20 -20.06
C PRO B 218 -11.80 15.10 -19.46
N THR B 219 -12.75 15.75 -20.12
CA THR B 219 -14.13 15.85 -19.68
C THR B 219 -15.05 15.61 -20.88
N ILE B 220 -16.19 14.98 -20.63
CA ILE B 220 -17.23 14.82 -21.64
C ILE B 220 -18.62 15.04 -21.02
N PRO B 221 -19.40 15.98 -21.57
CA PRO B 221 -20.75 16.18 -21.05
C PRO B 221 -21.68 15.07 -21.58
N LEU B 222 -22.77 14.81 -20.87
CA LEU B 222 -23.69 13.76 -21.28
C LEU B 222 -24.93 14.38 -21.91
N PRO B 223 -25.42 13.79 -23.01
CA PRO B 223 -26.49 14.42 -23.77
C PRO B 223 -27.78 14.39 -22.98
N GLY B 224 -28.55 15.48 -23.09
CA GLY B 224 -29.81 15.59 -22.37
C GLY B 224 -29.71 15.39 -20.86
N SER B 225 -28.59 15.85 -20.28
CA SER B 225 -28.41 15.86 -18.83
C SER B 225 -27.47 17.00 -18.42
N THR B 226 -27.28 17.17 -17.11
CA THR B 226 -26.35 18.17 -16.59
C THR B 226 -25.04 17.51 -16.15
N ALA B 227 -25.00 16.18 -16.22
CA ALA B 227 -23.85 15.40 -15.76
C ALA B 227 -22.65 15.46 -16.73
N GLN B 228 -21.47 15.14 -16.18
CA GLN B 228 -20.23 15.10 -16.95
C GLN B 228 -19.42 13.96 -16.39
N LEU B 229 -18.75 13.23 -17.28
CA LEU B 229 -17.75 12.24 -16.90
C LEU B 229 -16.37 12.78 -17.22
N GLU B 230 -15.37 12.33 -16.49
CA GLU B 230 -14.01 12.78 -16.75
C GLU B 230 -13.03 11.63 -16.71
N ASN B 231 -11.86 11.84 -17.30
CA ASN B 231 -10.75 10.89 -17.16
C ASN B 231 -10.17 10.97 -15.76
N TYR B 232 -9.54 9.88 -15.36
CA TYR B 232 -8.71 9.83 -14.17
C TYR B 232 -7.82 11.09 -14.10
N GLY B 233 -7.89 11.77 -12.96
CA GLY B 233 -7.03 12.90 -12.64
C GLY B 233 -7.37 14.17 -13.39
N GLY B 234 -8.53 14.19 -14.04
CA GLY B 234 -8.90 15.27 -14.96
C GLY B 234 -7.98 15.50 -16.16
N ALA B 235 -7.17 14.51 -16.51
CA ALA B 235 -6.17 14.58 -17.58
C ALA B 235 -6.67 14.14 -18.97
N PRO B 236 -6.26 14.84 -20.05
CA PRO B 236 -6.54 14.41 -21.41
C PRO B 236 -5.87 13.08 -21.72
N CYS B 237 -6.44 12.31 -22.64
CA CYS B 237 -5.85 11.02 -23.01
C CYS B 237 -4.73 11.26 -24.05
N GLY B 238 -3.51 11.50 -23.57
CA GLY B 238 -2.41 11.95 -24.44
C GLY B 238 -2.51 13.43 -24.81
N ASP B 239 -1.66 13.88 -25.72
CA ASP B 239 -1.55 15.31 -26.01
C ASP B 239 -2.30 15.78 -27.25
N GLU B 240 -2.92 14.87 -27.98
CA GLU B 240 -3.63 15.25 -29.23
C GLU B 240 -5.13 15.46 -29.03
N PRO B 241 -5.82 16.10 -29.99
CA PRO B 241 -7.27 16.25 -29.94
C PRO B 241 -8.06 14.93 -29.82
N THR B 242 -7.54 13.86 -30.42
CA THR B 242 -8.16 12.53 -30.35
C THR B 242 -7.11 11.50 -29.99
N VAL B 243 -7.57 10.30 -29.64
CA VAL B 243 -6.72 9.13 -29.43
C VAL B 243 -7.29 7.94 -30.17
N SER B 244 -6.41 7.01 -30.53
CA SER B 244 -6.86 5.77 -31.12
C SER B 244 -7.56 4.95 -30.03
N LEU B 245 -8.33 3.95 -30.46
CA LEU B 245 -8.98 3.03 -29.55
C LEU B 245 -7.93 2.26 -28.74
N ARG B 246 -6.89 1.78 -29.41
CA ARG B 246 -5.77 1.10 -28.76
C ARG B 246 -5.20 1.90 -27.58
N GLU B 247 -4.83 3.17 -27.84
CA GLU B 247 -4.29 4.04 -26.80
C GLU B 247 -5.29 4.32 -25.66
N ALA B 248 -6.55 4.56 -26.00
CA ALA B 248 -7.58 4.80 -24.98
C ALA B 248 -7.77 3.57 -24.09
N PHE B 249 -7.68 2.38 -24.72
CA PHE B 249 -7.82 1.10 -24.02
C PHE B 249 -6.67 0.85 -23.05
N VAL B 250 -5.43 0.85 -23.56
CA VAL B 250 -4.27 0.53 -22.73
C VAL B 250 -4.02 1.57 -21.64
N LYS B 251 -4.53 2.78 -21.85
CA LYS B 251 -4.38 3.83 -20.86
C LYS B 251 -5.60 3.94 -19.96
N SER B 252 -6.69 3.30 -20.38
CA SER B 252 -7.98 3.34 -19.69
C SER B 252 -8.51 4.76 -19.48
N CYS B 253 -8.65 5.49 -20.59
CA CYS B 253 -9.20 6.84 -20.58
C CYS B 253 -10.72 6.72 -20.67
N ASN B 254 -11.45 7.42 -19.82
CA ASN B 254 -12.89 7.23 -19.75
C ASN B 254 -13.66 7.90 -20.88
N THR B 255 -13.29 9.13 -21.23
CA THR B 255 -14.14 9.93 -22.10
C THR B 255 -14.26 9.30 -23.47
N ALA B 256 -13.19 8.63 -23.92
CA ALA B 256 -13.17 7.96 -25.20
C ALA B 256 -14.21 6.82 -25.27
N PHE B 257 -14.31 6.06 -24.17
CA PHE B 257 -15.26 4.94 -24.08
C PHE B 257 -16.70 5.40 -23.82
N VAL B 258 -16.85 6.53 -23.14
CA VAL B 258 -18.16 7.19 -23.00
C VAL B 258 -18.69 7.55 -24.40
N GLN B 259 -17.78 8.04 -25.24
CA GLN B 259 -18.09 8.43 -26.62
C GLN B 259 -18.39 7.21 -27.48
N LEU B 260 -17.52 6.20 -27.40
CA LEU B 260 -17.66 4.97 -28.16
C LEU B 260 -18.99 4.32 -27.85
N GLY B 261 -19.29 4.17 -26.56
CA GLY B 261 -20.52 3.54 -26.13
C GLY B 261 -21.76 4.17 -26.70
N ILE B 262 -21.87 5.49 -26.54
CA ILE B 262 -22.93 6.29 -27.13
C ILE B 262 -23.00 6.17 -28.68
N ARG B 263 -21.85 6.15 -29.33
CA ARG B 263 -21.80 6.00 -30.79
C ARG B 263 -22.41 4.63 -31.24
N THR B 264 -21.97 3.56 -30.59
CA THR B 264 -22.40 2.21 -30.90
C THR B 264 -23.87 1.96 -30.54
N GLY B 265 -24.31 2.51 -29.41
CA GLY B 265 -25.71 2.51 -29.03
C GLY B 265 -26.09 1.44 -28.02
N ALA B 266 -27.23 1.64 -27.38
CA ALA B 266 -27.72 0.80 -26.30
C ALA B 266 -27.96 -0.65 -26.74
N ASP B 267 -28.63 -0.82 -27.88
CA ASP B 267 -28.96 -2.15 -28.42
C ASP B 267 -27.75 -3.07 -28.58
N ALA B 268 -26.72 -2.57 -29.25
CA ALA B 268 -25.48 -3.33 -29.41
C ALA B 268 -24.78 -3.55 -28.07
N LEU B 269 -24.86 -2.56 -27.17
CA LEU B 269 -24.23 -2.74 -25.86
C LEU B 269 -24.96 -3.81 -25.04
N ARG B 270 -26.29 -3.69 -24.95
CA ARG B 270 -27.13 -4.74 -24.34
C ARG B 270 -26.82 -6.13 -24.90
N SER B 271 -26.87 -6.23 -26.23
CA SER B 271 -26.62 -7.47 -26.95
C SER B 271 -25.23 -8.06 -26.72
N MET B 272 -24.19 -7.24 -26.74
CA MET B 272 -22.83 -7.76 -26.44
C MET B 272 -22.67 -8.23 -24.98
N ALA B 273 -23.35 -7.55 -24.06
CA ALA B 273 -23.35 -7.95 -22.66
C ALA B 273 -24.02 -9.33 -22.48
N ARG B 274 -25.14 -9.55 -23.17
CA ARG B 274 -25.81 -10.86 -23.24
C ARG B 274 -24.92 -11.96 -23.77
N ALA B 275 -24.23 -11.69 -24.89
CA ALA B 275 -23.30 -12.65 -25.48
C ALA B 275 -22.20 -13.05 -24.50
N PHE B 276 -21.85 -12.13 -23.59
CA PHE B 276 -20.86 -12.40 -22.54
C PHE B 276 -21.42 -12.95 -21.21
N GLY B 277 -22.71 -13.27 -21.17
CA GLY B 277 -23.31 -13.94 -20.01
C GLY B 277 -24.15 -13.08 -19.07
N LEU B 278 -24.23 -11.79 -19.36
CA LEU B 278 -24.99 -10.87 -18.53
C LEU B 278 -26.46 -10.88 -18.92
N ASP B 279 -27.31 -10.59 -17.94
CA ASP B 279 -28.76 -10.51 -18.13
C ASP B 279 -29.37 -11.81 -18.62
N SER B 280 -28.71 -12.92 -18.29
CA SER B 280 -29.22 -14.25 -18.53
C SER B 280 -29.18 -14.99 -17.18
N PRO B 281 -30.23 -15.78 -16.87
CA PRO B 281 -30.27 -16.57 -15.62
C PRO B 281 -29.07 -17.51 -15.48
N PRO B 282 -28.20 -17.25 -14.49
CA PRO B 282 -27.04 -18.11 -14.27
C PRO B 282 -27.46 -19.56 -14.08
N ARG B 283 -26.69 -20.47 -14.66
CA ARG B 283 -26.79 -21.88 -14.35
C ARG B 283 -26.10 -22.12 -13.00
N PRO B 284 -26.63 -23.06 -12.20
CA PRO B 284 -25.97 -23.42 -10.95
C PRO B 284 -24.63 -24.12 -11.24
N THR B 285 -23.69 -24.04 -10.29
CA THR B 285 -22.30 -24.49 -10.50
C THR B 285 -21.87 -25.82 -9.82
N PRO B 286 -22.69 -26.41 -8.93
CA PRO B 286 -24.11 -26.33 -8.56
C PRO B 286 -24.51 -25.22 -7.59
N LEU B 287 -23.53 -24.48 -7.05
CA LEU B 287 -23.81 -23.34 -6.18
C LEU B 287 -24.49 -22.24 -6.97
N GLN B 288 -25.45 -21.59 -6.33
CA GLN B 288 -26.19 -20.50 -6.95
C GLN B 288 -25.33 -19.25 -7.15
N VAL B 289 -25.52 -18.61 -8.31
CA VAL B 289 -24.79 -17.41 -8.68
C VAL B 289 -25.79 -16.29 -8.89
N ALA B 290 -25.60 -15.16 -8.22
CA ALA B 290 -26.37 -13.93 -8.48
C ALA B 290 -26.31 -13.55 -9.98
N GLU B 291 -27.35 -12.87 -10.48
CA GLU B 291 -27.36 -12.41 -11.88
C GLU B 291 -26.54 -11.14 -12.03
N SER B 292 -25.75 -11.10 -13.09
CA SER B 292 -25.05 -9.91 -13.51
C SER B 292 -25.89 -9.22 -14.57
N THR B 293 -25.88 -7.89 -14.56
CA THR B 293 -26.77 -7.08 -15.37
C THR B 293 -26.05 -5.88 -15.96
N VAL B 294 -26.55 -5.41 -17.10
CA VAL B 294 -26.03 -4.21 -17.72
C VAL B 294 -26.97 -3.07 -17.34
N GLY B 295 -28.12 -3.40 -16.77
CA GLY B 295 -29.12 -2.41 -16.40
C GLY B 295 -30.05 -2.06 -17.55
N PRO B 296 -31.09 -1.26 -17.27
CA PRO B 296 -32.09 -0.96 -18.28
C PRO B 296 -31.60 -0.02 -19.41
N ILE B 297 -30.59 0.80 -19.11
CA ILE B 297 -30.12 1.92 -19.99
C ILE B 297 -31.23 2.82 -20.59
N PRO B 298 -31.85 3.68 -19.75
CA PRO B 298 -33.01 4.47 -20.23
C PRO B 298 -32.71 5.55 -21.27
N ASP B 299 -31.48 6.05 -21.31
CA ASP B 299 -31.14 7.14 -22.22
C ASP B 299 -29.65 7.19 -22.55
N SER B 300 -29.27 8.08 -23.47
CA SER B 300 -27.86 8.16 -23.89
C SER B 300 -26.91 8.55 -22.77
N ALA B 301 -27.37 9.38 -21.82
CA ALA B 301 -26.58 9.72 -20.62
C ALA B 301 -26.26 8.47 -19.80
N ALA B 302 -27.29 7.66 -19.54
CA ALA B 302 -27.11 6.33 -18.91
C ALA B 302 -26.21 5.40 -19.73
N LEU B 303 -26.36 5.46 -21.06
CA LEU B 303 -25.48 4.70 -21.96
C LEU B 303 -24.03 5.11 -21.79
N GLY B 304 -23.79 6.42 -21.67
CA GLY B 304 -22.42 6.91 -21.43
C GLY B 304 -21.79 6.40 -20.15
N MET B 305 -22.56 6.44 -19.05
CA MET B 305 -22.12 5.89 -17.76
C MET B 305 -21.96 4.37 -17.81
N THR B 306 -22.84 3.70 -18.55
CA THR B 306 -22.82 2.25 -18.65
C THR B 306 -21.56 1.76 -19.36
N SER B 307 -21.11 2.52 -20.35
CA SER B 307 -19.99 2.17 -21.23
C SER B 307 -18.65 2.09 -20.49
N ILE B 308 -18.58 2.75 -19.35
CA ILE B 308 -17.38 2.71 -18.51
C ILE B 308 -17.60 1.92 -17.21
N GLY B 309 -18.63 1.10 -17.18
CA GLY B 309 -18.85 0.16 -16.08
C GLY B 309 -19.62 0.69 -14.88
N GLN B 310 -20.30 1.81 -15.05
CA GLN B 310 -21.00 2.43 -13.93
C GLN B 310 -22.51 2.39 -14.13
N LYS B 311 -23.23 3.42 -13.70
CA LYS B 311 -24.70 3.42 -13.72
C LYS B 311 -25.26 2.15 -13.02
N ASP B 312 -25.93 1.28 -13.78
CA ASP B 312 -26.62 0.12 -13.22
C ASP B 312 -25.89 -1.20 -13.48
N VAL B 313 -24.71 -1.14 -14.09
CA VAL B 313 -23.92 -2.36 -14.34
C VAL B 313 -23.40 -2.96 -13.01
N ALA B 314 -23.50 -4.29 -12.88
CA ALA B 314 -23.17 -4.98 -11.64
C ALA B 314 -22.91 -6.40 -12.01
N LEU B 315 -21.69 -6.84 -11.73
CA LEU B 315 -21.22 -8.18 -12.05
C LEU B 315 -20.79 -8.84 -10.75
N THR B 316 -20.96 -10.16 -10.72
CA THR B 316 -20.24 -10.98 -9.76
C THR B 316 -18.81 -11.13 -10.27
N PRO B 317 -17.85 -11.32 -9.35
CA PRO B 317 -16.49 -11.65 -9.74
C PRO B 317 -16.40 -12.88 -10.64
N LEU B 318 -17.28 -13.87 -10.44
CA LEU B 318 -17.36 -15.02 -11.35
C LEU B 318 -17.58 -14.57 -12.80
N ALA B 319 -18.61 -13.74 -13.01
CA ALA B 319 -18.98 -13.27 -14.32
C ALA B 319 -17.87 -12.45 -15.01
N ASN B 320 -17.09 -11.69 -14.23
CA ASN B 320 -15.94 -10.95 -14.75
C ASN B 320 -14.78 -11.88 -15.12
N ALA B 321 -14.55 -12.92 -14.31
CA ALA B 321 -13.59 -13.98 -14.70
C ALA B 321 -14.02 -14.71 -15.98
N GLU B 322 -15.33 -14.89 -16.17
CA GLU B 322 -15.85 -15.53 -17.38
C GLU B 322 -15.64 -14.70 -18.64
N ILE B 323 -15.74 -13.38 -18.48
CA ILE B 323 -15.40 -12.47 -19.58
C ILE B 323 -13.95 -12.70 -20.03
N ALA B 324 -13.00 -12.61 -19.09
CA ALA B 324 -11.59 -12.91 -19.36
C ALA B 324 -11.41 -14.28 -20.01
N ALA B 325 -12.06 -15.30 -19.45
CA ALA B 325 -11.89 -16.70 -19.89
C ALA B 325 -12.45 -16.96 -21.30
N THR B 326 -13.56 -16.29 -21.62
CA THR B 326 -14.16 -16.37 -22.95
C THR B 326 -13.22 -15.81 -24.01
N ILE B 327 -12.63 -14.64 -23.71
CA ILE B 327 -11.62 -14.07 -24.60
C ILE B 327 -10.42 -14.99 -24.70
N ALA B 328 -9.99 -15.53 -23.57
CA ALA B 328 -8.91 -16.54 -23.56
C ALA B 328 -9.26 -17.79 -24.39
N ASN B 329 -10.54 -18.11 -24.51
CA ASN B 329 -10.96 -19.34 -25.19
C ASN B 329 -11.38 -19.12 -26.67
N GLY B 330 -10.88 -18.03 -27.27
CA GLY B 330 -11.11 -17.74 -28.68
C GLY B 330 -12.52 -17.20 -28.98
N GLY B 331 -13.22 -16.79 -27.92
CA GLY B 331 -14.59 -16.26 -28.03
C GLY B 331 -15.65 -17.21 -27.54
N ILE B 332 -15.25 -18.44 -27.22
CA ILE B 332 -16.17 -19.48 -26.74
C ILE B 332 -16.24 -19.48 -25.22
N THR B 333 -17.45 -19.35 -24.66
CA THR B 333 -17.66 -19.46 -23.21
C THR B 333 -18.01 -20.87 -22.80
N MET B 334 -17.18 -21.48 -21.96
CA MET B 334 -17.51 -22.79 -21.35
C MET B 334 -18.31 -22.57 -20.06
N ARG B 335 -19.40 -23.31 -19.88
CA ARG B 335 -20.19 -23.22 -18.64
C ARG B 335 -19.32 -23.54 -17.41
N PRO B 336 -19.28 -22.61 -16.43
CA PRO B 336 -18.51 -22.78 -15.21
C PRO B 336 -19.07 -23.91 -14.34
N TYR B 337 -18.19 -24.80 -13.90
CA TYR B 337 -18.60 -25.86 -12.98
C TYR B 337 -17.57 -26.08 -11.87
N LEU B 338 -18.06 -26.56 -10.74
CA LEU B 338 -17.26 -26.72 -9.53
C LEU B 338 -17.08 -28.18 -9.10
N VAL B 339 -17.99 -29.05 -9.55
CA VAL B 339 -17.89 -30.49 -9.26
C VAL B 339 -17.41 -31.23 -10.51
N GLY B 340 -16.20 -31.79 -10.43
CA GLY B 340 -15.62 -32.55 -11.54
C GLY B 340 -16.33 -33.87 -11.73
N SER B 341 -16.56 -34.57 -10.61
CA SER B 341 -17.33 -35.82 -10.59
C SER B 341 -17.94 -36.14 -9.23
N LEU B 342 -18.87 -37.10 -9.24
CA LEU B 342 -19.46 -37.68 -8.03
C LEU B 342 -19.07 -39.15 -7.96
N LYS B 343 -18.58 -39.58 -6.80
CA LYS B 343 -18.14 -40.97 -6.62
C LYS B 343 -18.94 -41.67 -5.52
N GLY B 344 -18.95 -43.00 -5.58
CA GLY B 344 -19.49 -43.83 -4.50
C GLY B 344 -18.44 -44.04 -3.44
N PRO B 345 -18.83 -44.63 -2.29
CA PRO B 345 -17.92 -44.88 -1.15
C PRO B 345 -16.64 -45.64 -1.48
N ASP B 346 -16.67 -46.41 -2.58
CA ASP B 346 -15.49 -47.15 -3.04
C ASP B 346 -14.70 -46.39 -4.10
N LEU B 347 -15.01 -45.11 -4.27
CA LEU B 347 -14.36 -44.24 -5.27
C LEU B 347 -14.69 -44.68 -6.71
N ALA B 348 -15.76 -45.45 -6.85
CA ALA B 348 -16.30 -45.85 -8.14
C ALA B 348 -17.14 -44.71 -8.68
N ASN B 349 -16.95 -44.40 -9.95
CA ASN B 349 -17.53 -43.22 -10.55
C ASN B 349 -19.05 -43.27 -10.77
N ILE B 350 -19.73 -42.19 -10.40
CA ILE B 350 -21.19 -42.12 -10.50
C ILE B 350 -21.63 -41.16 -11.61
N SER B 351 -21.07 -39.97 -11.61
CA SER B 351 -21.37 -38.97 -12.62
C SER B 351 -20.10 -38.18 -12.86
N THR B 352 -19.71 -38.09 -14.13
CA THR B 352 -18.58 -37.25 -14.54
C THR B 352 -19.14 -36.08 -15.35
N THR B 353 -18.85 -34.86 -14.88
CA THR B 353 -19.34 -33.64 -15.51
C THR B 353 -18.82 -33.44 -16.93
N VAL B 354 -19.74 -33.21 -17.87
CA VAL B 354 -19.37 -32.89 -19.24
C VAL B 354 -19.11 -31.37 -19.41
N ARG B 355 -18.06 -31.05 -20.16
CA ARG B 355 -17.83 -29.68 -20.59
C ARG B 355 -18.73 -29.38 -21.77
N TYR B 356 -19.39 -28.23 -21.72
CA TYR B 356 -20.11 -27.75 -22.90
C TYR B 356 -19.93 -26.27 -23.17
N GLN B 357 -19.85 -25.96 -24.47
CA GLN B 357 -19.67 -24.60 -24.96
C GLN B 357 -21.00 -23.89 -24.87
N GLN B 358 -21.13 -23.01 -23.88
CA GLN B 358 -22.39 -22.37 -23.51
C GLN B 358 -22.90 -21.40 -24.57
N ARG B 359 -21.99 -20.90 -25.41
CA ARG B 359 -22.25 -19.72 -26.24
C ARG B 359 -20.98 -19.30 -26.99
N ARG B 360 -21.16 -18.69 -28.16
CA ARG B 360 -20.09 -17.91 -28.76
C ARG B 360 -20.43 -16.45 -28.53
N ALA B 361 -19.53 -15.74 -27.86
CA ALA B 361 -19.73 -14.32 -27.55
C ALA B 361 -19.23 -13.44 -28.69
N VAL B 362 -18.03 -13.75 -29.18
CA VAL B 362 -17.36 -12.99 -30.24
C VAL B 362 -16.64 -13.99 -31.14
N SER B 363 -16.29 -13.54 -32.34
CA SER B 363 -15.60 -14.34 -33.35
C SER B 363 -14.15 -14.50 -32.95
N PRO B 364 -13.45 -15.52 -33.51
CA PRO B 364 -12.05 -15.70 -33.14
C PRO B 364 -11.21 -14.43 -33.35
N GLN B 365 -11.54 -13.67 -34.38
CA GLN B 365 -10.81 -12.45 -34.77
C GLN B 365 -11.03 -11.30 -33.77
N VAL B 366 -12.26 -11.12 -33.31
CA VAL B 366 -12.55 -10.15 -32.24
C VAL B 366 -11.87 -10.56 -30.91
N ALA B 367 -11.94 -11.84 -30.57
CA ALA B 367 -11.24 -12.37 -29.40
C ALA B 367 -9.73 -12.15 -29.50
N ALA B 368 -9.18 -12.35 -30.70
CA ALA B 368 -7.75 -12.12 -30.95
C ALA B 368 -7.36 -10.65 -30.76
N LYS B 369 -8.22 -9.74 -31.22
CA LYS B 369 -7.95 -8.31 -31.08
C LYS B 369 -8.07 -7.81 -29.63
N LEU B 370 -9.06 -8.33 -28.90
CA LEU B 370 -9.17 -8.05 -27.47
C LEU B 370 -7.95 -8.56 -26.70
N THR B 371 -7.49 -9.76 -27.06
CA THR B 371 -6.28 -10.33 -26.49
C THR B 371 -5.06 -9.38 -26.69
N GLU B 372 -4.95 -8.81 -27.87
CA GLU B 372 -3.87 -7.85 -28.18
C GLU B 372 -3.95 -6.63 -27.28
N LEU B 373 -5.13 -6.00 -27.27
CA LEU B 373 -5.37 -4.81 -26.49
C LEU B 373 -5.12 -5.05 -25.01
N MET B 374 -5.56 -6.22 -24.50
CA MET B 374 -5.35 -6.62 -23.11
C MET B 374 -3.89 -6.95 -22.79
N VAL B 375 -3.15 -7.49 -23.76
CA VAL B 375 -1.69 -7.63 -23.60
C VAL B 375 -1.01 -6.26 -23.45
N GLY B 376 -1.45 -5.28 -24.24
CA GLY B 376 -0.93 -3.92 -24.15
C GLY B 376 -1.34 -3.23 -22.86
N ALA B 377 -2.58 -3.46 -22.44
CA ALA B 377 -3.09 -2.89 -21.20
C ALA B 377 -2.35 -3.40 -19.98
N GLU B 378 -1.93 -4.67 -20.03
CA GLU B 378 -1.15 -5.25 -18.95
C GLU B 378 0.26 -4.63 -18.88
N LYS B 379 0.82 -4.31 -20.05
CA LYS B 379 2.14 -3.70 -20.12
C LYS B 379 2.13 -2.28 -19.55
N VAL B 380 1.12 -1.50 -19.92
CA VAL B 380 0.94 -0.17 -19.36
C VAL B 380 0.72 -0.23 -17.84
N ALA B 381 -0.10 -1.19 -17.38
CA ALA B 381 -0.42 -1.34 -15.95
C ALA B 381 0.77 -1.78 -15.10
N GLN B 382 1.66 -2.58 -15.69
CA GLN B 382 2.90 -2.98 -15.05
C GLN B 382 3.81 -1.77 -14.85
N PRO B 388 10.03 -9.21 -16.31
CA PRO B 388 9.21 -9.74 -17.40
C PRO B 388 9.20 -11.28 -17.41
N GLY B 389 8.07 -11.86 -17.02
CA GLY B 389 7.93 -13.33 -16.94
C GLY B 389 6.97 -13.89 -17.97
N VAL B 390 5.85 -14.41 -17.51
CA VAL B 390 4.79 -14.90 -18.39
C VAL B 390 4.06 -13.73 -19.03
N GLN B 391 3.66 -13.90 -20.29
CA GLN B 391 2.87 -12.88 -20.98
C GLN B 391 1.40 -12.95 -20.52
N ILE B 392 0.94 -11.86 -19.92
CA ILE B 392 -0.39 -11.79 -19.33
C ILE B 392 -1.19 -10.79 -20.14
N ALA B 393 -2.45 -11.11 -20.38
CA ALA B 393 -3.40 -10.16 -20.96
C ALA B 393 -4.35 -9.75 -19.84
N SER B 394 -4.63 -8.46 -19.71
CA SER B 394 -5.45 -8.01 -18.60
C SER B 394 -6.17 -6.72 -18.84
N LYS B 395 -7.18 -6.49 -18.02
CA LYS B 395 -7.81 -5.19 -17.92
C LYS B 395 -8.04 -4.92 -16.43
N THR B 396 -7.58 -3.76 -15.98
CA THR B 396 -7.77 -3.35 -14.61
C THR B 396 -8.90 -2.34 -14.57
N GLY B 397 -9.33 -2.02 -13.35
CA GLY B 397 -10.36 -1.03 -13.17
C GLY B 397 -10.51 -0.68 -11.71
N THR B 398 -11.23 0.42 -11.48
CA THR B 398 -11.71 0.81 -10.18
C THR B 398 -13.19 1.05 -10.38
N ALA B 399 -14.00 1.04 -9.33
CA ALA B 399 -15.43 1.30 -9.49
C ALA B 399 -16.03 2.16 -8.39
N GLU B 400 -16.76 3.18 -8.80
CA GLU B 400 -17.48 4.06 -7.89
C GLU B 400 -18.61 3.30 -7.22
N HIS B 401 -18.90 3.61 -5.96
CA HIS B 401 -20.01 2.99 -5.24
C HIS B 401 -20.43 3.76 -4.00
N GLY B 402 -21.60 3.40 -3.45
CA GLY B 402 -22.08 3.92 -2.17
C GLY B 402 -23.05 5.07 -2.30
N THR B 403 -23.45 5.63 -1.16
CA THR B 403 -24.38 6.76 -1.15
C THR B 403 -23.63 8.08 -1.34
N ASP B 404 -22.35 8.09 -0.96
CA ASP B 404 -21.47 9.23 -1.26
C ASP B 404 -20.17 8.76 -1.90
N PRO B 405 -20.22 8.49 -3.22
CA PRO B 405 -19.09 7.87 -3.94
C PRO B 405 -17.82 8.70 -3.92
N ARG B 406 -17.98 10.02 -3.96
CA ARG B 406 -16.86 10.95 -3.98
C ARG B 406 -16.11 11.01 -2.63
N HIS B 407 -16.67 10.37 -1.62
CA HIS B 407 -16.06 10.35 -0.30
C HIS B 407 -15.78 8.91 0.12
N THR B 408 -15.95 7.99 -0.83
CA THR B 408 -15.79 6.55 -0.63
C THR B 408 -14.68 5.99 -1.52
N PRO B 409 -13.78 5.15 -0.93
CA PRO B 409 -12.74 4.52 -1.75
C PRO B 409 -13.32 3.47 -2.71
N PRO B 410 -13.06 3.62 -4.02
CA PRO B 410 -13.59 2.73 -5.06
C PRO B 410 -13.13 1.30 -4.91
N HIS B 411 -13.94 0.36 -5.36
CA HIS B 411 -13.48 -1.03 -5.46
C HIS B 411 -12.34 -1.07 -6.46
N ALA B 412 -11.50 -2.11 -6.36
CA ALA B 412 -10.42 -2.33 -7.29
C ALA B 412 -10.64 -3.68 -7.95
N TRP B 413 -10.45 -3.70 -9.26
CA TRP B 413 -10.72 -4.86 -10.10
C TRP B 413 -9.48 -5.22 -10.90
N TYR B 414 -9.31 -6.51 -11.16
CA TYR B 414 -8.29 -6.98 -12.08
C TYR B 414 -8.82 -8.24 -12.76
N ILE B 415 -9.00 -8.17 -14.08
CA ILE B 415 -9.31 -9.38 -14.86
C ILE B 415 -8.15 -9.67 -15.81
N ALA B 416 -7.87 -10.95 -16.01
CA ALA B 416 -6.65 -11.36 -16.71
C ALA B 416 -6.71 -12.81 -17.15
N PHE B 417 -5.81 -13.18 -18.05
CA PHE B 417 -5.61 -14.57 -18.43
C PHE B 417 -4.18 -14.77 -18.96
N ALA B 418 -3.66 -15.98 -18.84
CA ALA B 418 -2.25 -16.26 -19.13
C ALA B 418 -2.01 -17.76 -19.35
N PRO B 419 -0.99 -18.11 -20.17
CA PRO B 419 -0.26 -17.22 -21.07
C PRO B 419 -1.19 -16.64 -22.12
N ALA B 420 -0.94 -15.39 -22.52
CA ALA B 420 -1.85 -14.70 -23.41
C ALA B 420 -1.98 -15.43 -24.76
N GLN B 421 -0.89 -16.02 -25.20
CA GLN B 421 -0.85 -16.69 -26.51
C GLN B 421 -1.35 -18.15 -26.52
N ALA B 422 -1.54 -18.73 -25.33
CA ALA B 422 -2.05 -20.10 -25.16
C ALA B 422 -2.60 -20.29 -23.75
N PRO B 423 -3.75 -19.66 -23.42
CA PRO B 423 -4.17 -19.51 -22.01
C PRO B 423 -4.50 -20.83 -21.29
N LYS B 424 -4.17 -20.86 -20.00
CA LYS B 424 -4.40 -22.02 -19.15
C LYS B 424 -5.17 -21.62 -17.89
N VAL B 425 -5.21 -20.31 -17.61
CA VAL B 425 -5.93 -19.79 -16.47
C VAL B 425 -6.52 -18.40 -16.78
N ALA B 426 -7.69 -18.11 -16.22
CA ALA B 426 -8.28 -16.78 -16.21
C ALA B 426 -8.64 -16.43 -14.76
N VAL B 427 -8.42 -15.18 -14.38
CA VAL B 427 -8.74 -14.71 -13.02
C VAL B 427 -9.54 -13.41 -13.04
N ALA B 428 -10.32 -13.20 -11.99
CA ALA B 428 -10.90 -11.91 -11.63
C ALA B 428 -10.63 -11.77 -10.14
N VAL B 429 -10.09 -10.61 -9.77
CA VAL B 429 -9.85 -10.25 -8.39
C VAL B 429 -10.66 -8.99 -8.13
N LEU B 430 -11.54 -9.04 -7.14
CA LEU B 430 -12.21 -7.85 -6.65
C LEU B 430 -11.78 -7.57 -5.21
N VAL B 431 -11.19 -6.41 -4.99
CA VAL B 431 -10.88 -5.91 -3.64
C VAL B 431 -11.81 -4.75 -3.30
N GLU B 432 -12.68 -4.96 -2.32
CA GLU B 432 -13.64 -3.93 -1.87
C GLU B 432 -12.91 -2.75 -1.26
N ASN B 433 -13.24 -1.56 -1.77
CA ASN B 433 -12.54 -0.32 -1.41
C ASN B 433 -11.03 -0.51 -1.55
N GLY B 434 -10.65 -1.21 -2.61
CA GLY B 434 -9.24 -1.52 -2.88
C GLY B 434 -8.47 -0.47 -3.66
N ALA B 435 -9.14 0.63 -3.98
CA ALA B 435 -8.50 1.75 -4.68
C ALA B 435 -8.53 3.02 -3.83
N ASP B 436 -7.41 3.75 -3.79
CA ASP B 436 -7.45 5.05 -3.17
C ASP B 436 -8.37 6.02 -3.94
N ARG B 437 -9.05 6.87 -3.18
CA ARG B 437 -9.98 7.86 -3.71
C ARG B 437 -9.29 8.93 -4.59
N LEU B 438 -8.03 9.22 -4.30
CA LEU B 438 -7.28 10.25 -5.02
C LEU B 438 -6.39 9.68 -6.13
N SER B 439 -5.45 8.81 -5.76
CA SER B 439 -4.49 8.30 -6.74
C SER B 439 -4.44 6.77 -6.75
N ALA B 440 -4.34 6.18 -7.94
CA ALA B 440 -4.25 4.72 -8.08
C ALA B 440 -3.41 4.28 -9.27
N THR B 441 -2.63 3.21 -9.07
CA THR B 441 -2.04 2.47 -10.18
C THR B 441 -3.12 1.59 -10.82
N GLY B 442 -2.83 1.01 -11.99
CA GLY B 442 -3.78 0.13 -12.68
C GLY B 442 -4.31 -1.00 -11.81
N GLY B 443 -5.62 -0.97 -11.57
CA GLY B 443 -6.28 -1.95 -10.70
C GLY B 443 -5.88 -1.87 -9.24
N ALA B 444 -5.13 -0.83 -8.90
CA ALA B 444 -4.70 -0.55 -7.51
C ALA B 444 -4.26 -1.81 -6.73
N LEU B 445 -5.00 -2.17 -5.68
CA LEU B 445 -4.66 -3.32 -4.83
C LEU B 445 -4.99 -4.70 -5.46
N ALA B 446 -5.88 -4.72 -6.44
CA ALA B 446 -6.35 -5.99 -7.04
C ALA B 446 -5.32 -6.64 -7.97
N ALA B 447 -4.56 -5.82 -8.69
CA ALA B 447 -3.62 -6.30 -9.72
C ALA B 447 -2.53 -7.27 -9.22
N PRO B 448 -1.73 -6.87 -8.19
CA PRO B 448 -0.71 -7.79 -7.64
C PRO B 448 -1.29 -9.12 -7.11
N ILE B 449 -2.45 -9.06 -6.45
CA ILE B 449 -3.15 -10.27 -6.03
C ILE B 449 -3.37 -11.18 -7.24
N GLY B 450 -3.87 -10.61 -8.34
CA GLY B 450 -4.09 -11.33 -9.60
C GLY B 450 -2.82 -11.97 -10.16
N ARG B 451 -1.74 -11.20 -10.22
CA ARG B 451 -0.46 -11.74 -10.72
C ARG B 451 0.12 -12.87 -9.84
N ALA B 452 -0.04 -12.77 -8.52
CA ALA B 452 0.33 -13.87 -7.62
C ALA B 452 -0.50 -15.12 -7.90
N VAL B 453 -1.80 -14.94 -8.08
CA VAL B 453 -2.70 -16.06 -8.39
C VAL B 453 -2.32 -16.72 -9.72
N ILE B 454 -1.91 -15.90 -10.69
CA ILE B 454 -1.48 -16.39 -11.99
C ILE B 454 -0.17 -17.19 -11.89
N GLU B 455 0.82 -16.66 -11.17
CA GLU B 455 2.10 -17.35 -10.92
C GLU B 455 1.93 -18.72 -10.24
N ALA B 456 1.05 -18.81 -9.24
CA ALA B 456 0.77 -20.09 -8.57
C ALA B 456 0.07 -21.08 -9.50
N ALA B 457 -0.77 -20.56 -10.39
CA ALA B 457 -1.47 -21.36 -11.37
C ALA B 457 -0.52 -21.98 -12.38
N LEU B 458 0.58 -21.27 -12.67
CA LEU B 458 1.53 -21.72 -13.69
C LEU B 458 2.81 -22.41 -13.18
N GLN B 459 2.95 -22.58 -11.86
CA GLN B 459 4.12 -23.25 -11.25
C GLN B 459 4.16 -24.76 -11.45
#